data_3INV
#
_entry.id   3INV
#
_cell.length_a   93.881
_cell.length_b   136.900
_cell.length_c   167.824
_cell.angle_alpha   90.00
_cell.angle_beta   90.00
_cell.angle_gamma   90.00
#
_symmetry.space_group_name_H-M   'C 2 2 21'
#
loop_
_entity.id
_entity.type
_entity.pdbx_description
1 polymer 'Bifunctional dihydrofolate reductase-thymidylate synthase'
2 non-polymer 1-[3-(2,3-dichlorophenoxy)propoxy]-6,6-dimethyl-1,6-dihydro-1,3,5-triazine-2,4-diamine
3 non-polymer 'NADPH DIHYDRO-NICOTINAMIDE-ADENINE-DINUCLEOTIDE PHOSPHATE'
4 non-polymer "2'-DEOXYURIDINE 5'-MONOPHOSPHATE"
5 non-polymer GLYCEROL
6 water water
#
_entity_poly.entity_id   1
_entity_poly.type   'polypeptide(L)'
_entity_poly.pdbx_seq_one_letter_code
;MSLFKIRMPETVAEGTRLALRAFSLVVAVDEHGGIGDGRSIPWNVPEDMKFFRDLTTKLRGKNVKPSPAKRNAVVMGRKT
WDSIPPKFRPLPGRLNVVLSSTLTTQHLLDGLPDEEKRNLHADSIVAVNGGLEQALRLLASPNYTPSIETVYCIGGGSVY
AEALRPPCVHLLQAIYRTTIRASESSCSVFFRVPESGTEAAAGIEWQRETISEELTSANGNETKYYFEKLIPRNREEEQY
LSLVDRIIREGNVKHDRTGVGTLSIFGAQMRFSLRNNRLPLLTTKRVFWRGVCEELLWFLRGETYAKKLSDKGVHIWDDN
GSRAFLDSRGLTEYEEMDLGPVYGFQWRHFGAAYTHHDANYDGQGVDQIKAIVETLKTNPDDRRMLFTAWNPSALPRMAL
PPCHLLAQFYVSNGELSCMLYQRSCDMGLGVPFNIASYALLTILIAKATGLRPGELVHTLGDAHVYSNHVEPCNEQLKRV
PRAFPYLVFRREREFLEDYEEGDMEVIDYAPYPPISMKMAV
;
_entity_poly.pdbx_strand_id   A,B
#
loop_
_chem_comp.id
_chem_comp.type
_chem_comp.name
_chem_comp.formula
C50 non-polymer 1-[3-(2,3-dichlorophenoxy)propoxy]-6,6-dimethyl-1,6-dihydro-1,3,5-triazine-2,4-diamine 'C14 H19 Cl2 N5 O2'
GOL non-polymer GLYCEROL 'C3 H8 O3'
NDP non-polymer 'NADPH DIHYDRO-NICOTINAMIDE-ADENINE-DINUCLEOTIDE PHOSPHATE' 'C21 H30 N7 O17 P3'
UMP non-polymer '2'-DEOXYURIDINE 5'-MONOPHOSPHATE' 'C9 H13 N2 O8 P'
#
# COMPACT_ATOMS: atom_id res chain seq x y z
N SER A 2 -10.57 9.92 37.61
CA SER A 2 -10.95 10.94 36.61
C SER A 2 -9.77 11.27 35.71
N LEU A 3 -8.63 11.58 36.30
CA LEU A 3 -7.46 11.91 35.49
C LEU A 3 -6.86 10.69 34.80
N PHE A 4 -7.23 9.50 35.27
CA PHE A 4 -6.71 8.28 34.66
C PHE A 4 -7.50 7.98 33.38
N LYS A 5 -8.73 8.51 33.31
CA LYS A 5 -9.60 8.34 32.16
C LYS A 5 -9.45 9.49 31.19
N ILE A 6 -10.04 9.34 30.01
CA ILE A 6 -9.97 10.36 28.98
C ILE A 6 -11.30 11.10 28.87
N ARG A 7 -11.33 12.33 29.39
CA ARG A 7 -12.55 13.13 29.35
C ARG A 7 -12.89 13.59 27.95
N MET A 8 -14.15 13.36 27.57
CA MET A 8 -14.61 13.77 26.25
C MET A 8 -14.85 15.26 26.28
N PRO A 9 -14.63 15.95 25.15
CA PRO A 9 -14.83 17.39 25.05
C PRO A 9 -16.28 17.77 24.76
N GLU A 10 -16.59 19.06 24.78
CA GLU A 10 -17.95 19.53 24.53
C GLU A 10 -18.42 19.29 23.11
N THR A 11 -17.48 19.04 22.20
CA THR A 11 -17.81 18.78 20.81
C THR A 11 -18.07 17.29 20.54
N VAL A 12 -17.96 16.47 21.59
CA VAL A 12 -18.14 15.03 21.48
C VAL A 12 -19.27 14.57 20.55
N ALA A 13 -20.44 15.19 20.63
CA ALA A 13 -21.56 14.79 19.78
C ALA A 13 -21.58 15.48 18.42
N GLU A 14 -21.16 16.75 18.38
CA GLU A 14 -21.12 17.49 17.12
C GLU A 14 -19.84 17.12 16.37
N GLY A 15 -19.91 16.08 15.53
CA GLY A 15 -18.74 15.65 14.80
C GLY A 15 -19.04 14.31 14.17
N THR A 16 -19.88 13.55 14.85
CA THR A 16 -20.31 12.26 14.35
C THR A 16 -21.82 12.37 14.17
N ARG A 17 -22.32 13.60 14.27
CA ARG A 17 -23.76 13.85 14.12
C ARG A 17 -24.20 13.67 12.67
N LEU A 18 -25.08 12.70 12.46
CA LEU A 18 -25.59 12.39 11.13
C LEU A 18 -26.32 13.58 10.51
N ALA A 19 -25.77 14.11 9.42
CA ALA A 19 -26.37 15.25 8.73
C ALA A 19 -27.58 14.85 7.87
N LEU A 20 -27.44 13.75 7.15
CA LEU A 20 -28.52 13.29 6.30
C LEU A 20 -28.65 11.78 6.43
N ARG A 21 -29.89 11.29 6.44
CA ARG A 21 -30.14 9.88 6.56
C ARG A 21 -30.11 9.24 5.17
N ALA A 22 -29.50 8.06 5.07
CA ALA A 22 -29.39 7.34 3.80
C ALA A 22 -30.76 6.83 3.40
N PHE A 23 -30.94 6.54 2.12
CA PHE A 23 -32.25 6.07 1.66
C PHE A 23 -32.13 5.28 0.38
N SER A 24 -33.24 4.66 -0.01
CA SER A 24 -33.33 3.87 -1.22
C SER A 24 -34.47 4.45 -2.07
N LEU A 25 -34.51 4.09 -3.34
CA LEU A 25 -35.53 4.64 -4.23
C LEU A 25 -36.28 3.57 -5.00
N VAL A 26 -37.60 3.71 -5.05
CA VAL A 26 -38.48 2.78 -5.77
C VAL A 26 -39.25 3.58 -6.80
N VAL A 27 -39.23 3.11 -8.05
CA VAL A 27 -39.92 3.82 -9.10
C VAL A 27 -40.32 2.88 -10.22
N ALA A 28 -41.37 3.25 -10.94
CA ALA A 28 -41.87 2.48 -12.06
C ALA A 28 -41.82 3.41 -13.27
N VAL A 29 -41.09 3.02 -14.32
CA VAL A 29 -40.98 3.84 -15.51
C VAL A 29 -41.37 3.04 -16.73
N ASP A 30 -41.85 3.70 -17.79
CA ASP A 30 -42.18 2.95 -19.00
C ASP A 30 -40.88 2.90 -19.82
N GLU A 31 -40.95 2.39 -21.04
CA GLU A 31 -39.73 2.25 -21.84
C GLU A 31 -39.10 3.56 -22.32
N HIS A 32 -39.78 4.68 -22.09
CA HIS A 32 -39.24 5.96 -22.49
C HIS A 32 -39.00 6.84 -21.27
N GLY A 33 -38.84 6.19 -20.12
CA GLY A 33 -38.61 6.88 -18.88
C GLY A 33 -39.76 7.71 -18.35
N GLY A 34 -40.97 7.50 -18.87
CA GLY A 34 -42.11 8.25 -18.39
C GLY A 34 -42.61 7.68 -17.07
N ILE A 35 -43.10 8.52 -16.17
CA ILE A 35 -43.61 8.02 -14.90
C ILE A 35 -45.03 8.52 -14.60
N GLY A 36 -45.48 9.52 -15.35
CA GLY A 36 -46.82 10.03 -15.13
C GLY A 36 -47.13 11.17 -16.08
N ASP A 37 -48.37 11.64 -16.07
CA ASP A 37 -48.76 12.75 -16.94
C ASP A 37 -48.73 14.05 -16.14
N GLY A 38 -48.30 13.95 -14.90
CA GLY A 38 -48.24 15.13 -14.04
C GLY A 38 -49.31 15.05 -12.97
N ARG A 39 -50.32 14.23 -13.21
CA ARG A 39 -51.42 14.09 -12.26
C ARG A 39 -51.55 12.65 -11.75
N SER A 40 -51.32 11.68 -12.63
CA SER A 40 -51.44 10.28 -12.26
C SER A 40 -50.50 9.39 -13.07
N ILE A 41 -50.57 8.09 -12.78
CA ILE A 41 -49.75 7.13 -13.49
C ILE A 41 -50.62 6.54 -14.59
N PRO A 42 -50.19 6.69 -15.85
CA PRO A 42 -50.84 6.22 -17.08
C PRO A 42 -51.14 4.73 -17.26
N TRP A 43 -50.52 3.89 -16.45
CA TRP A 43 -50.75 2.46 -16.58
C TRP A 43 -51.33 1.86 -15.31
N ASN A 44 -51.73 0.60 -15.38
CA ASN A 44 -52.30 -0.12 -14.25
C ASN A 44 -51.70 -1.51 -14.20
N VAL A 45 -50.69 -1.70 -13.36
CA VAL A 45 -50.04 -3.00 -13.23
C VAL A 45 -50.08 -3.41 -11.76
N PRO A 46 -51.14 -4.14 -11.37
CA PRO A 46 -51.36 -4.62 -10.00
C PRO A 46 -50.12 -5.21 -9.37
N GLU A 47 -49.41 -6.01 -10.15
CA GLU A 47 -48.21 -6.67 -9.64
C GLU A 47 -47.12 -5.70 -9.18
N ASP A 48 -47.01 -4.54 -9.84
CA ASP A 48 -46.00 -3.58 -9.42
C ASP A 48 -46.45 -2.93 -8.12
N MET A 49 -47.73 -2.56 -8.09
CA MET A 49 -48.31 -1.94 -6.90
C MET A 49 -48.06 -2.87 -5.72
N LYS A 50 -48.13 -4.18 -5.97
CA LYS A 50 -47.90 -5.16 -4.90
C LYS A 50 -46.43 -5.22 -4.53
N PHE A 51 -45.56 -5.17 -5.54
CA PHE A 51 -44.14 -5.22 -5.27
C PHE A 51 -43.76 -4.02 -4.39
N PHE A 52 -44.27 -2.84 -4.77
CA PHE A 52 -44.03 -1.61 -4.05
C PHE A 52 -44.48 -1.72 -2.60
N ARG A 53 -45.68 -2.25 -2.42
CA ARG A 53 -46.26 -2.42 -1.09
C ARG A 53 -45.37 -3.32 -0.20
N ASP A 54 -45.01 -4.49 -0.69
CA ASP A 54 -44.19 -5.42 0.07
C ASP A 54 -42.79 -4.87 0.34
N LEU A 55 -42.14 -4.36 -0.70
CA LEU A 55 -40.81 -3.80 -0.56
C LEU A 55 -40.69 -2.70 0.49
N THR A 56 -41.53 -1.67 0.38
CA THR A 56 -41.45 -0.55 1.31
C THR A 56 -42.03 -0.80 2.70
N THR A 57 -42.88 -1.83 2.82
CA THR A 57 -43.49 -2.13 4.11
C THR A 57 -42.67 -3.13 4.94
N LYS A 58 -42.19 -4.18 4.30
CA LYS A 58 -41.43 -5.20 5.00
C LYS A 58 -40.10 -4.76 5.58
N LEU A 59 -39.81 -5.29 6.77
CA LEU A 59 -38.55 -5.02 7.45
C LEU A 59 -37.69 -6.23 7.20
N ARG A 60 -36.38 -6.07 7.29
CA ARG A 60 -35.47 -7.19 7.05
C ARG A 60 -35.62 -8.29 8.09
N GLY A 61 -35.16 -9.47 7.73
CA GLY A 61 -35.28 -10.61 8.63
C GLY A 61 -36.56 -11.37 8.35
N LYS A 62 -37.15 -11.93 9.40
CA LYS A 62 -38.37 -12.70 9.25
C LYS A 62 -39.32 -12.46 10.42
N ASN A 63 -40.61 -12.66 10.15
CA ASN A 63 -41.65 -12.49 11.16
C ASN A 63 -41.48 -11.24 12.01
N VAL A 64 -41.11 -10.14 11.38
CA VAL A 64 -40.98 -8.87 12.07
C VAL A 64 -42.02 -7.97 11.41
N LYS A 65 -43.08 -7.67 12.15
CA LYS A 65 -44.12 -6.81 11.58
C LYS A 65 -43.81 -5.37 11.95
N PRO A 66 -44.13 -4.43 11.04
CA PRO A 66 -43.88 -3.02 11.29
C PRO A 66 -44.57 -2.53 12.55
N SER A 67 -43.91 -1.61 13.26
CA SER A 67 -44.44 -1.03 14.47
C SER A 67 -43.95 0.41 14.52
N PRO A 68 -44.61 1.28 15.31
CA PRO A 68 -44.18 2.67 15.40
C PRO A 68 -42.71 2.80 15.83
N ALA A 69 -42.25 1.86 16.64
CA ALA A 69 -40.87 1.87 17.14
C ALA A 69 -39.89 1.22 16.16
N LYS A 70 -40.40 0.64 15.09
CA LYS A 70 -39.55 0.00 14.11
C LYS A 70 -40.27 -0.26 12.79
N ARG A 71 -40.12 0.67 11.86
CA ARG A 71 -40.73 0.54 10.55
C ARG A 71 -39.97 1.36 9.52
N ASN A 72 -40.40 1.29 8.27
CA ASN A 72 -39.75 2.06 7.22
C ASN A 72 -40.51 3.38 7.05
N ALA A 73 -39.93 4.28 6.27
CA ALA A 73 -40.57 5.55 5.99
C ALA A 73 -40.63 5.65 4.48
N VAL A 74 -41.59 6.41 3.97
CA VAL A 74 -41.73 6.64 2.54
C VAL A 74 -41.82 8.16 2.39
N VAL A 75 -41.02 8.73 1.48
CA VAL A 75 -41.04 10.17 1.25
C VAL A 75 -41.59 10.46 -0.13
N MET A 76 -42.61 11.30 -0.20
CA MET A 76 -43.22 11.61 -1.48
C MET A 76 -43.57 13.08 -1.59
N GLY A 77 -43.69 13.55 -2.83
CA GLY A 77 -44.07 14.92 -3.08
C GLY A 77 -45.56 15.06 -2.79
N ARG A 78 -46.01 16.29 -2.56
CA ARG A 78 -47.42 16.53 -2.25
C ARG A 78 -48.36 16.14 -3.40
N LYS A 79 -47.90 16.26 -4.64
CA LYS A 79 -48.76 15.89 -5.76
C LYS A 79 -48.91 14.37 -5.81
N THR A 80 -47.90 13.65 -5.33
CA THR A 80 -47.98 12.19 -5.30
C THR A 80 -48.92 11.77 -4.18
N TRP A 81 -48.86 12.49 -3.05
CA TRP A 81 -49.76 12.20 -1.93
C TRP A 81 -51.19 12.45 -2.38
N ASP A 82 -51.39 13.52 -3.16
CA ASP A 82 -52.71 13.86 -3.68
C ASP A 82 -53.24 12.78 -4.61
N SER A 83 -52.36 12.18 -5.42
CA SER A 83 -52.76 11.16 -6.37
C SER A 83 -53.23 9.85 -5.74
N ILE A 84 -52.97 9.69 -4.44
CA ILE A 84 -53.40 8.48 -3.76
C ILE A 84 -54.83 8.73 -3.29
N PRO A 85 -55.75 7.79 -3.55
CA PRO A 85 -57.13 7.99 -3.11
C PRO A 85 -57.18 8.02 -1.58
N PRO A 86 -57.85 9.02 -1.00
CA PRO A 86 -57.96 9.16 0.45
C PRO A 86 -58.22 7.85 1.21
N LYS A 87 -58.88 6.91 0.55
CA LYS A 87 -59.18 5.62 1.16
C LYS A 87 -57.93 4.78 1.41
N PHE A 88 -56.82 5.15 0.77
CA PHE A 88 -55.57 4.41 0.94
C PHE A 88 -54.51 5.23 1.68
N ARG A 89 -54.88 6.45 2.09
CA ARG A 89 -53.98 7.34 2.81
C ARG A 89 -54.23 7.30 4.31
N PRO A 90 -53.15 7.16 5.09
CA PRO A 90 -51.80 7.05 4.54
C PRO A 90 -51.45 5.60 4.27
N LEU A 91 -50.33 5.39 3.58
CA LEU A 91 -49.87 4.04 3.28
C LEU A 91 -49.62 3.36 4.62
N PRO A 92 -50.41 2.32 4.93
CA PRO A 92 -50.27 1.59 6.19
C PRO A 92 -48.92 0.89 6.43
N GLY A 93 -48.51 0.82 7.69
CA GLY A 93 -47.29 0.16 8.08
C GLY A 93 -46.02 0.94 7.85
N ARG A 94 -46.16 2.20 7.42
CA ARG A 94 -45.00 3.03 7.15
C ARG A 94 -45.22 4.49 7.54
N LEU A 95 -44.13 5.17 7.91
CA LEU A 95 -44.22 6.58 8.25
C LEU A 95 -44.32 7.27 6.89
N ASN A 96 -45.41 8.00 6.66
CA ASN A 96 -45.60 8.70 5.39
C ASN A 96 -45.08 10.11 5.56
N VAL A 97 -43.98 10.42 4.89
CA VAL A 97 -43.37 11.74 4.95
C VAL A 97 -43.76 12.45 3.65
N VAL A 98 -44.44 13.59 3.78
CA VAL A 98 -44.89 14.35 2.60
C VAL A 98 -44.21 15.70 2.49
N LEU A 99 -43.60 15.95 1.34
CA LEU A 99 -42.92 17.20 1.08
C LEU A 99 -43.95 18.21 0.59
N SER A 100 -43.94 19.41 1.16
CA SER A 100 -44.89 20.45 0.78
C SER A 100 -44.63 21.79 1.47
N SER A 101 -44.81 22.87 0.73
CA SER A 101 -44.62 24.20 1.28
C SER A 101 -45.98 24.90 1.42
N THR A 102 -47.04 24.15 1.15
CA THR A 102 -48.40 24.70 1.25
C THR A 102 -49.26 23.99 2.30
N LEU A 103 -48.98 22.71 2.55
CA LEU A 103 -49.76 21.94 3.51
C LEU A 103 -48.99 21.51 4.76
N THR A 104 -49.64 21.66 5.92
CA THR A 104 -49.02 21.27 7.19
C THR A 104 -49.44 19.83 7.49
N THR A 105 -48.90 19.27 8.56
CA THR A 105 -49.25 17.90 8.94
C THR A 105 -50.74 17.81 9.28
N GLN A 106 -51.26 18.82 9.98
CA GLN A 106 -52.67 18.81 10.34
C GLN A 106 -53.54 18.89 9.10
N HIS A 107 -53.13 19.70 8.14
CA HIS A 107 -53.88 19.85 6.90
C HIS A 107 -53.90 18.53 6.11
N LEU A 108 -52.87 17.71 6.31
CA LEU A 108 -52.81 16.42 5.63
C LEU A 108 -53.85 15.50 6.27
N LEU A 109 -53.97 15.60 7.60
CA LEU A 109 -54.92 14.82 8.37
C LEU A 109 -56.36 15.22 8.07
N ASP A 110 -56.61 16.53 8.02
CA ASP A 110 -57.95 17.03 7.73
C ASP A 110 -58.44 16.57 6.37
N GLY A 111 -57.50 16.38 5.45
CA GLY A 111 -57.87 15.94 4.11
C GLY A 111 -58.26 14.48 4.02
N LEU A 112 -58.30 13.79 5.16
CA LEU A 112 -58.67 12.38 5.17
C LEU A 112 -60.18 12.19 5.24
N PRO A 113 -60.68 11.05 4.74
CA PRO A 113 -62.11 10.68 4.71
C PRO A 113 -62.89 10.88 6.01
N ASP A 114 -62.72 9.97 6.97
CA ASP A 114 -63.44 10.07 8.25
C ASP A 114 -62.50 10.30 9.43
N GLU A 115 -63.09 10.51 10.60
CA GLU A 115 -62.33 10.75 11.83
C GLU A 115 -61.58 9.53 12.34
N GLU A 116 -62.25 8.38 12.34
CA GLU A 116 -61.64 7.13 12.80
C GLU A 116 -60.32 6.87 12.07
N LYS A 117 -60.20 7.44 10.88
CA LYS A 117 -59.00 7.29 10.08
C LYS A 117 -57.91 8.27 10.49
N ARG A 118 -58.26 9.55 10.60
CA ARG A 118 -57.29 10.56 10.97
C ARG A 118 -56.86 10.52 12.45
N ASN A 119 -57.71 9.96 13.31
CA ASN A 119 -57.38 9.88 14.72
C ASN A 119 -56.27 8.86 14.98
N LEU A 120 -56.46 7.66 14.42
CA LEU A 120 -55.48 6.59 14.58
C LEU A 120 -54.21 6.91 13.78
N HIS A 121 -54.41 7.31 12.53
CA HIS A 121 -53.30 7.63 11.63
C HIS A 121 -52.79 9.06 11.84
N ALA A 122 -52.17 9.29 12.99
CA ALA A 122 -51.60 10.58 13.34
C ALA A 122 -50.09 10.45 13.48
N ASP A 123 -49.65 9.28 13.97
CA ASP A 123 -48.23 9.01 14.16
C ASP A 123 -47.66 8.35 12.91
N SER A 124 -48.42 8.40 11.82
CA SER A 124 -48.00 7.78 10.57
C SER A 124 -47.81 8.82 9.47
N ILE A 125 -48.08 10.08 9.79
CA ILE A 125 -47.97 11.14 8.80
C ILE A 125 -47.24 12.38 9.32
N VAL A 126 -46.27 12.86 8.54
CA VAL A 126 -45.54 14.06 8.90
C VAL A 126 -45.21 14.75 7.59
N ALA A 127 -45.46 16.05 7.55
CA ALA A 127 -45.20 16.85 6.37
C ALA A 127 -43.95 17.70 6.63
N VAL A 128 -43.09 17.87 5.63
CA VAL A 128 -41.91 18.70 5.83
C VAL A 128 -41.93 19.86 4.83
N ASN A 129 -41.70 21.05 5.36
CA ASN A 129 -41.68 22.27 4.55
C ASN A 129 -40.32 22.41 3.86
N GLY A 130 -40.07 21.54 2.89
CA GLY A 130 -38.82 21.56 2.16
C GLY A 130 -38.79 20.44 1.13
N GLY A 131 -37.61 20.16 0.59
CA GLY A 131 -37.46 19.12 -0.41
C GLY A 131 -36.92 17.84 0.21
N LEU A 132 -36.55 16.88 -0.63
CA LEU A 132 -36.06 15.60 -0.15
C LEU A 132 -34.92 15.74 0.85
N GLU A 133 -33.99 16.66 0.57
CA GLU A 133 -32.86 16.87 1.46
C GLU A 133 -33.29 17.27 2.88
N GLN A 134 -34.26 18.16 3.00
CA GLN A 134 -34.75 18.58 4.31
C GLN A 134 -35.42 17.38 4.97
N ALA A 135 -36.06 16.55 4.15
CA ALA A 135 -36.73 15.37 4.68
C ALA A 135 -35.69 14.42 5.26
N LEU A 136 -34.58 14.21 4.56
CA LEU A 136 -33.54 13.31 5.03
C LEU A 136 -32.87 13.83 6.31
N ARG A 137 -32.79 15.15 6.44
CA ARG A 137 -32.20 15.75 7.64
C ARG A 137 -33.13 15.47 8.82
N LEU A 138 -34.44 15.63 8.61
CA LEU A 138 -35.43 15.38 9.65
C LEU A 138 -35.26 13.93 10.10
N LEU A 139 -35.26 13.04 9.11
CA LEU A 139 -35.12 11.61 9.36
C LEU A 139 -33.84 11.24 10.09
N ALA A 140 -32.83 12.10 10.01
CA ALA A 140 -31.55 11.84 10.67
C ALA A 140 -31.62 12.15 12.17
N SER A 141 -32.69 12.80 12.60
CA SER A 141 -32.82 13.14 14.02
C SER A 141 -33.08 11.90 14.88
N PRO A 142 -32.69 11.98 16.17
CA PRO A 142 -32.83 10.90 17.16
C PRO A 142 -34.17 10.17 17.25
N ASN A 143 -35.28 10.86 17.03
CA ASN A 143 -36.56 10.16 17.12
C ASN A 143 -36.93 9.37 15.86
N TYR A 144 -36.19 9.57 14.77
CA TYR A 144 -36.46 8.84 13.54
C TYR A 144 -35.31 7.86 13.22
N THR A 145 -34.11 8.19 13.70
CA THR A 145 -32.95 7.32 13.51
C THR A 145 -32.47 6.90 14.90
N PRO A 146 -32.29 5.60 15.13
CA PRO A 146 -32.46 4.46 14.21
C PRO A 146 -33.84 3.80 14.11
N SER A 147 -34.84 4.33 14.79
CA SER A 147 -36.16 3.69 14.75
C SER A 147 -36.64 3.37 13.33
N ILE A 148 -36.36 4.26 12.38
CA ILE A 148 -36.77 4.01 10.99
C ILE A 148 -35.68 3.13 10.36
N GLU A 149 -36.04 1.90 9.97
CA GLU A 149 -35.07 0.97 9.39
C GLU A 149 -34.53 1.39 8.02
N THR A 150 -35.43 1.63 7.08
CA THR A 150 -35.05 2.05 5.74
C THR A 150 -35.95 3.18 5.25
N VAL A 151 -35.34 4.18 4.62
CA VAL A 151 -36.07 5.31 4.07
C VAL A 151 -36.24 5.08 2.57
N TYR A 152 -37.48 5.17 2.11
CA TYR A 152 -37.77 4.96 0.70
C TYR A 152 -38.33 6.20 0.02
N CYS A 153 -37.70 6.61 -1.08
CA CYS A 153 -38.16 7.74 -1.88
C CYS A 153 -39.13 7.04 -2.80
N ILE A 154 -40.39 7.45 -2.75
CA ILE A 154 -41.41 6.80 -3.56
C ILE A 154 -42.07 7.61 -4.66
N GLY A 155 -41.48 8.73 -5.04
CA GLY A 155 -42.12 9.43 -6.11
C GLY A 155 -42.34 10.91 -6.13
N GLY A 156 -42.63 11.32 -7.36
CA GLY A 156 -42.84 12.69 -7.71
C GLY A 156 -41.62 12.91 -8.57
N GLY A 157 -41.82 13.29 -9.82
CA GLY A 157 -40.67 13.54 -10.68
C GLY A 157 -39.69 14.47 -10.00
N SER A 158 -40.19 15.53 -9.39
CA SER A 158 -39.33 16.49 -8.72
C SER A 158 -38.51 15.82 -7.62
N VAL A 159 -39.15 14.95 -6.84
CA VAL A 159 -38.45 14.25 -5.76
C VAL A 159 -37.39 13.28 -6.30
N TYR A 160 -37.73 12.52 -7.34
CA TYR A 160 -36.77 11.59 -7.91
C TYR A 160 -35.55 12.36 -8.40
N ALA A 161 -35.80 13.47 -9.08
CA ALA A 161 -34.71 14.31 -9.62
C ALA A 161 -33.75 14.78 -8.51
N GLU A 162 -34.33 15.23 -7.40
CA GLU A 162 -33.51 15.70 -6.29
C GLU A 162 -32.71 14.57 -5.67
N ALA A 163 -33.25 13.35 -5.73
CA ALA A 163 -32.59 12.18 -5.18
C ALA A 163 -31.43 11.75 -6.09
N LEU A 164 -31.51 12.14 -7.36
CA LEU A 164 -30.47 11.76 -8.30
C LEU A 164 -29.39 12.80 -8.52
N ARG A 165 -29.37 13.84 -7.70
CA ARG A 165 -28.33 14.86 -7.81
C ARG A 165 -27.69 15.09 -6.44
N PRO A 166 -26.45 15.58 -6.41
CA PRO A 166 -25.85 15.82 -5.09
C PRO A 166 -26.64 16.93 -4.40
N PRO A 167 -26.65 16.93 -3.05
CA PRO A 167 -26.01 16.00 -2.12
C PRO A 167 -26.72 14.66 -1.87
N CYS A 168 -27.99 14.58 -2.24
CA CYS A 168 -28.77 13.38 -2.00
C CYS A 168 -28.32 12.06 -2.65
N VAL A 169 -27.87 12.07 -3.91
CA VAL A 169 -27.41 10.83 -4.57
C VAL A 169 -26.33 10.11 -3.81
N HIS A 170 -25.50 10.85 -3.09
CA HIS A 170 -24.41 10.25 -2.36
C HIS A 170 -24.90 9.42 -1.18
N LEU A 171 -26.18 9.56 -0.88
CA LEU A 171 -26.80 8.83 0.21
C LEU A 171 -27.76 7.77 -0.31
N LEU A 172 -27.86 7.66 -1.64
CA LEU A 172 -28.76 6.70 -2.27
C LEU A 172 -28.12 5.31 -2.34
N GLN A 173 -28.58 4.41 -1.48
CA GLN A 173 -28.02 3.06 -1.42
C GLN A 173 -28.52 2.03 -2.42
N ALA A 174 -29.70 2.25 -2.98
CA ALA A 174 -30.25 1.31 -3.94
C ALA A 174 -31.41 1.90 -4.71
N ILE A 175 -31.56 1.46 -5.96
CA ILE A 175 -32.63 1.91 -6.83
C ILE A 175 -33.42 0.68 -7.31
N TYR A 176 -34.68 0.61 -6.89
CA TYR A 176 -35.58 -0.47 -7.28
C TYR A 176 -36.44 0.09 -8.38
N ARG A 177 -36.18 -0.32 -9.62
CA ARG A 177 -36.92 0.19 -10.75
C ARG A 177 -37.69 -0.88 -11.54
N THR A 178 -39.00 -0.64 -11.68
CA THR A 178 -39.86 -1.54 -12.43
C THR A 178 -40.04 -0.87 -13.79
N THR A 179 -39.80 -1.61 -14.86
CA THR A 179 -39.99 -1.03 -16.19
C THR A 179 -41.27 -1.62 -16.77
N ILE A 180 -42.18 -0.75 -17.19
CA ILE A 180 -43.45 -1.18 -17.77
C ILE A 180 -43.33 -1.11 -19.29
N ARG A 181 -43.47 -2.25 -19.96
CA ARG A 181 -43.40 -2.30 -21.41
C ARG A 181 -44.77 -1.86 -21.94
N ALA A 182 -45.12 -0.61 -21.67
CA ALA A 182 -46.40 -0.05 -22.09
C ALA A 182 -46.51 0.12 -23.60
N SER A 183 -47.56 -0.47 -24.17
CA SER A 183 -47.82 -0.38 -25.61
C SER A 183 -47.65 1.06 -26.08
N GLU A 184 -48.51 1.93 -25.54
CA GLU A 184 -48.45 3.34 -25.87
C GLU A 184 -48.01 4.10 -24.62
N SER A 185 -47.14 5.08 -24.80
CA SER A 185 -46.64 5.87 -23.69
C SER A 185 -46.70 7.36 -24.01
N SER A 186 -47.27 8.14 -23.11
CA SER A 186 -47.38 9.57 -23.32
C SER A 186 -47.32 10.36 -22.01
N CYS A 187 -46.20 10.18 -21.29
CA CYS A 187 -46.01 10.87 -20.03
C CYS A 187 -45.42 12.26 -20.21
N SER A 188 -45.54 13.10 -19.18
CA SER A 188 -45.00 14.46 -19.23
C SER A 188 -43.96 14.64 -18.11
N VAL A 189 -43.88 13.66 -17.22
CA VAL A 189 -42.93 13.67 -16.12
C VAL A 189 -42.08 12.41 -16.28
N PHE A 190 -40.76 12.57 -16.24
CA PHE A 190 -39.88 11.44 -16.45
C PHE A 190 -38.90 11.11 -15.33
N PHE A 191 -38.12 10.06 -15.55
CA PHE A 191 -37.13 9.57 -14.62
C PHE A 191 -36.09 8.80 -15.39
N ARG A 192 -34.83 8.96 -15.02
CA ARG A 192 -33.74 8.23 -15.65
C ARG A 192 -32.43 8.43 -14.92
N VAL A 193 -31.81 7.30 -14.61
CA VAL A 193 -30.54 7.23 -13.90
C VAL A 193 -29.43 7.64 -14.85
N PRO A 194 -28.41 8.36 -14.34
CA PRO A 194 -27.29 8.77 -15.20
C PRO A 194 -26.31 7.62 -15.45
N GLU A 195 -25.81 7.51 -16.68
CA GLU A 195 -24.87 6.45 -17.03
C GLU A 195 -23.53 6.65 -16.31
N SER A 196 -22.76 5.57 -16.19
CA SER A 196 -21.45 5.65 -15.55
C SER A 196 -20.59 6.62 -16.34
N GLY A 197 -19.71 7.35 -15.65
CA GLY A 197 -18.82 8.27 -16.34
C GLY A 197 -19.36 9.65 -16.68
N THR A 198 -20.68 9.83 -16.70
CA THR A 198 -21.26 11.13 -17.01
C THR A 198 -21.24 12.01 -15.77
N GLU A 199 -21.17 13.31 -15.98
CA GLU A 199 -21.13 14.26 -14.87
C GLU A 199 -22.34 14.14 -13.95
N ALA A 200 -23.51 14.00 -14.54
CA ALA A 200 -24.72 13.88 -13.75
C ALA A 200 -24.66 12.68 -12.78
N ALA A 201 -23.85 11.67 -13.10
CA ALA A 201 -23.74 10.50 -12.23
C ALA A 201 -22.92 10.82 -10.99
N ALA A 202 -22.13 11.89 -11.07
CA ALA A 202 -21.32 12.30 -9.94
C ALA A 202 -20.43 11.18 -9.39
N GLY A 203 -19.66 10.57 -10.28
CA GLY A 203 -18.75 9.52 -9.86
C GLY A 203 -19.36 8.21 -9.38
N ILE A 204 -20.68 8.11 -9.49
CA ILE A 204 -21.36 6.89 -9.04
C ILE A 204 -21.53 5.96 -10.23
N GLU A 205 -21.21 4.68 -10.03
CA GLU A 205 -21.32 3.68 -11.08
C GLU A 205 -22.38 2.66 -10.69
N TRP A 206 -23.61 2.89 -11.13
CA TRP A 206 -24.70 2.00 -10.81
C TRP A 206 -24.53 0.62 -11.40
N GLN A 207 -24.63 -0.39 -10.54
CA GLN A 207 -24.49 -1.79 -10.89
C GLN A 207 -25.85 -2.44 -10.83
N ARG A 208 -26.07 -3.47 -11.65
CA ARG A 208 -27.33 -4.19 -11.63
C ARG A 208 -27.12 -5.40 -10.73
N GLU A 209 -27.74 -5.40 -9.56
CA GLU A 209 -27.60 -6.54 -8.66
C GLU A 209 -28.55 -7.62 -9.13
N THR A 210 -29.77 -7.23 -9.48
CA THR A 210 -30.75 -8.21 -9.97
C THR A 210 -31.69 -7.68 -11.04
N ILE A 211 -32.22 -8.62 -11.81
CA ILE A 211 -33.19 -8.33 -12.85
C ILE A 211 -34.04 -9.57 -13.02
N SER A 212 -35.36 -9.37 -12.94
CA SER A 212 -36.33 -10.44 -13.06
C SER A 212 -36.53 -10.82 -14.52
N GLU A 213 -37.22 -11.93 -14.73
CA GLU A 213 -37.56 -12.40 -16.05
C GLU A 213 -38.70 -11.48 -16.49
N GLU A 214 -39.00 -11.44 -17.77
CA GLU A 214 -40.09 -10.59 -18.24
C GLU A 214 -41.39 -11.20 -17.70
N LEU A 215 -42.22 -10.38 -17.07
CA LEU A 215 -43.47 -10.86 -16.50
C LEU A 215 -44.68 -10.28 -17.24
N THR A 216 -45.80 -11.00 -17.19
CA THR A 216 -47.02 -10.57 -17.86
C THR A 216 -48.05 -10.17 -16.81
N SER A 217 -48.55 -8.95 -16.92
CA SER A 217 -49.54 -8.44 -15.97
C SER A 217 -50.93 -9.02 -16.22
N ALA A 218 -51.64 -9.29 -15.14
CA ALA A 218 -53.00 -9.80 -15.23
C ALA A 218 -53.95 -8.61 -15.26
N ASN A 219 -53.47 -7.48 -15.78
CA ASN A 219 -54.26 -6.25 -15.85
C ASN A 219 -55.31 -6.28 -16.96
N GLY A 220 -55.34 -7.37 -17.73
CA GLY A 220 -56.31 -7.47 -18.80
C GLY A 220 -55.73 -7.19 -20.17
N ASN A 221 -54.59 -6.51 -20.20
CA ASN A 221 -53.95 -6.19 -21.47
C ASN A 221 -52.64 -6.97 -21.69
N GLU A 222 -52.40 -7.96 -20.84
CA GLU A 222 -51.19 -8.78 -20.95
C GLU A 222 -49.94 -7.90 -20.96
N THR A 223 -49.98 -6.81 -20.21
CA THR A 223 -48.85 -5.89 -20.16
C THR A 223 -47.59 -6.52 -19.60
N LYS A 224 -46.51 -6.42 -20.36
CA LYS A 224 -45.22 -6.95 -19.97
C LYS A 224 -44.46 -5.98 -19.07
N TYR A 225 -43.74 -6.51 -18.10
CA TYR A 225 -42.96 -5.71 -17.16
C TYR A 225 -41.87 -6.55 -16.50
N TYR A 226 -40.85 -5.91 -15.96
CA TYR A 226 -39.78 -6.63 -15.27
C TYR A 226 -39.20 -5.77 -14.16
N PHE A 227 -38.51 -6.40 -13.22
CA PHE A 227 -37.92 -5.69 -12.09
C PHE A 227 -36.41 -5.62 -12.14
N GLU A 228 -35.86 -4.56 -11.55
CA GLU A 228 -34.41 -4.35 -11.49
C GLU A 228 -34.06 -3.68 -10.16
N LYS A 229 -32.90 -4.05 -9.64
CA LYS A 229 -32.38 -3.46 -8.42
C LYS A 229 -30.95 -3.06 -8.75
N LEU A 230 -30.68 -1.75 -8.72
CA LEU A 230 -29.36 -1.23 -9.00
C LEU A 230 -28.71 -0.80 -7.69
N ILE A 231 -27.39 -0.89 -7.62
CA ILE A 231 -26.67 -0.48 -6.41
C ILE A 231 -25.42 0.32 -6.79
N PRO A 232 -25.04 1.29 -5.96
CA PRO A 232 -23.86 2.09 -6.28
C PRO A 232 -22.59 1.27 -6.06
N ARG A 233 -21.84 1.04 -7.13
CA ARG A 233 -20.61 0.25 -7.04
C ARG A 233 -19.77 0.59 -5.82
N ASN A 234 -19.44 -0.42 -5.02
CA ASN A 234 -18.62 -0.19 -3.83
C ASN A 234 -17.20 -0.63 -4.13
N ARG A 235 -16.36 0.33 -4.54
CA ARG A 235 -14.97 0.07 -4.87
C ARG A 235 -14.18 -0.38 -3.64
N GLU A 236 -14.48 0.22 -2.50
CA GLU A 236 -13.78 -0.12 -1.27
C GLU A 236 -13.89 -1.60 -0.92
N GLU A 237 -15.10 -2.15 -0.97
CA GLU A 237 -15.23 -3.57 -0.65
C GLU A 237 -14.55 -4.41 -1.72
N GLU A 238 -14.51 -3.89 -2.94
CA GLU A 238 -13.84 -4.61 -4.02
C GLU A 238 -12.34 -4.77 -3.74
N GLN A 239 -11.75 -3.82 -3.00
CA GLN A 239 -10.33 -3.92 -2.66
C GLN A 239 -10.13 -5.27 -1.97
N TYR A 240 -11.00 -5.55 -1.01
CA TYR A 240 -10.96 -6.77 -0.24
C TYR A 240 -11.26 -8.02 -1.04
N LEU A 241 -12.28 -7.97 -1.89
CA LEU A 241 -12.64 -9.13 -2.68
C LEU A 241 -11.51 -9.50 -3.66
N SER A 242 -10.94 -8.50 -4.32
CA SER A 242 -9.88 -8.78 -5.28
C SER A 242 -8.60 -9.25 -4.60
N LEU A 243 -8.39 -8.85 -3.34
CA LEU A 243 -7.20 -9.28 -2.63
C LEU A 243 -7.39 -10.75 -2.26
N VAL A 244 -8.62 -11.11 -1.89
CA VAL A 244 -8.91 -12.49 -1.57
C VAL A 244 -8.70 -13.33 -2.82
N ASP A 245 -9.24 -12.86 -3.93
CA ASP A 245 -9.12 -13.55 -5.21
C ASP A 245 -7.66 -13.71 -5.66
N ARG A 246 -6.82 -12.71 -5.39
CA ARG A 246 -5.43 -12.80 -5.79
C ARG A 246 -4.67 -13.81 -4.95
N ILE A 247 -4.99 -13.86 -3.66
CA ILE A 247 -4.34 -14.79 -2.74
C ILE A 247 -4.65 -16.24 -3.17
N ILE A 248 -5.92 -16.48 -3.47
CA ILE A 248 -6.35 -17.81 -3.90
C ILE A 248 -5.66 -18.22 -5.21
N ARG A 249 -5.55 -17.30 -6.15
CA ARG A 249 -4.94 -17.62 -7.44
C ARG A 249 -3.42 -17.56 -7.51
N GLU A 250 -2.80 -16.71 -6.69
CA GLU A 250 -1.35 -16.55 -6.74
C GLU A 250 -0.63 -16.72 -5.41
N GLY A 251 -1.40 -16.93 -4.35
CA GLY A 251 -0.80 -17.07 -3.03
C GLY A 251 0.09 -18.29 -2.87
N ASN A 252 1.03 -18.22 -1.92
CA ASN A 252 1.93 -19.33 -1.64
C ASN A 252 1.26 -20.17 -0.58
N VAL A 253 1.51 -21.46 -0.62
CA VAL A 253 0.95 -22.37 0.38
C VAL A 253 1.85 -22.29 1.61
N LYS A 254 1.24 -22.29 2.79
CA LYS A 254 1.99 -22.22 4.05
C LYS A 254 1.20 -22.97 5.11
N HIS A 255 1.88 -23.37 6.19
CA HIS A 255 1.23 -24.09 7.26
C HIS A 255 1.53 -23.48 8.62
N ASP A 256 0.57 -23.54 9.54
CA ASP A 256 0.74 -23.00 10.89
C ASP A 256 1.51 -24.03 11.70
N ARG A 257 1.68 -23.76 13.00
CA ARG A 257 2.37 -24.72 13.86
C ARG A 257 1.41 -25.89 13.97
N THR A 258 0.11 -25.56 13.94
CA THR A 258 -0.98 -26.52 14.02
C THR A 258 -0.80 -27.56 12.92
N GLY A 259 -0.58 -27.05 11.70
CA GLY A 259 -0.41 -27.91 10.55
C GLY A 259 -1.47 -27.49 9.55
N VAL A 260 -2.29 -26.52 9.95
CA VAL A 260 -3.36 -26.01 9.10
C VAL A 260 -2.73 -25.23 7.95
N GLY A 261 -3.25 -25.44 6.74
CA GLY A 261 -2.70 -24.76 5.59
C GLY A 261 -3.41 -23.48 5.20
N THR A 262 -2.64 -22.58 4.60
CA THR A 262 -3.16 -21.31 4.12
C THR A 262 -2.53 -20.98 2.78
N LEU A 263 -3.07 -19.95 2.15
CA LEU A 263 -2.55 -19.45 0.89
C LEU A 263 -2.28 -18.01 1.30
N SER A 264 -1.12 -17.48 0.94
CA SER A 264 -0.85 -16.11 1.36
C SER A 264 -0.01 -15.28 0.42
N ILE A 265 -0.08 -13.98 0.62
CA ILE A 265 0.72 -13.02 -0.13
C ILE A 265 1.28 -12.11 0.97
N PHE A 266 2.41 -11.48 0.70
CA PHE A 266 3.02 -10.63 1.70
C PHE A 266 2.96 -9.15 1.34
N GLY A 267 2.38 -8.34 2.22
CA GLY A 267 2.31 -6.90 1.99
C GLY A 267 1.21 -6.40 1.06
N ALA A 268 0.25 -5.69 1.63
CA ALA A 268 -0.87 -5.12 0.88
C ALA A 268 -1.39 -3.92 1.66
N GLN A 269 -2.31 -3.18 1.07
CA GLN A 269 -2.86 -2.01 1.72
C GLN A 269 -4.23 -1.62 1.15
N MET A 270 -5.17 -1.26 2.03
CA MET A 270 -6.52 -0.85 1.62
C MET A 270 -6.93 0.43 2.35
N ARG A 271 -7.79 1.23 1.72
CA ARG A 271 -8.27 2.48 2.31
C ARG A 271 -9.79 2.44 2.45
N PHE A 272 -10.29 3.14 3.46
CA PHE A 272 -11.71 3.18 3.71
C PHE A 272 -12.07 4.57 4.24
N SER A 273 -13.09 5.19 3.65
CA SER A 273 -13.51 6.51 4.10
C SER A 273 -14.41 6.38 5.33
N LEU A 274 -14.27 7.31 6.26
CA LEU A 274 -15.09 7.30 7.47
C LEU A 274 -15.91 8.60 7.53
N ARG A 275 -15.91 9.33 6.41
CA ARG A 275 -16.63 10.58 6.30
C ARG A 275 -18.14 10.45 6.36
N ASN A 276 -18.77 11.43 7.00
CA ASN A 276 -20.21 11.47 7.15
C ASN A 276 -20.84 10.20 7.74
N ASN A 277 -20.23 9.70 8.81
CA ASN A 277 -20.75 8.54 9.54
C ASN A 277 -20.65 7.19 8.84
N ARG A 278 -20.00 7.13 7.68
CA ARG A 278 -19.88 5.86 6.98
C ARG A 278 -19.07 4.89 7.84
N LEU A 279 -19.50 3.64 7.86
CA LEU A 279 -18.81 2.61 8.61
C LEU A 279 -18.59 1.46 7.63
N PRO A 280 -17.32 1.12 7.36
CA PRO A 280 -17.01 0.04 6.42
C PRO A 280 -17.28 -1.41 6.85
N LEU A 281 -18.54 -1.76 7.13
CA LEU A 281 -18.86 -3.15 7.48
C LEU A 281 -19.10 -3.85 6.15
N LEU A 282 -18.32 -4.89 5.85
CA LEU A 282 -18.50 -5.60 4.57
C LEU A 282 -19.93 -6.13 4.42
N THR A 283 -20.42 -6.13 3.18
CA THR A 283 -21.78 -6.59 2.91
C THR A 283 -21.88 -8.01 2.30
N THR A 284 -20.82 -8.46 1.64
CA THR A 284 -20.84 -9.78 1.01
C THR A 284 -20.85 -10.92 2.02
N LYS A 285 -20.71 -10.56 3.29
CA LYS A 285 -20.74 -11.51 4.42
C LYS A 285 -20.86 -10.71 5.70
N ARG A 286 -22.03 -10.78 6.35
CA ARG A 286 -22.28 -10.05 7.59
C ARG A 286 -21.14 -10.10 8.59
N VAL A 287 -20.81 -8.96 9.16
CA VAL A 287 -19.75 -8.88 10.17
C VAL A 287 -20.39 -8.80 11.54
N PHE A 288 -19.79 -9.50 12.50
CA PHE A 288 -20.28 -9.51 13.87
C PHE A 288 -20.02 -8.17 14.58
N TRP A 289 -20.77 -7.13 14.23
CA TRP A 289 -20.58 -5.81 14.83
C TRP A 289 -20.59 -5.73 16.35
N ARG A 290 -21.56 -6.40 16.96
CA ARG A 290 -21.66 -6.36 18.42
C ARG A 290 -20.37 -6.82 19.10
N GLY A 291 -19.77 -7.91 18.62
CA GLY A 291 -18.52 -8.40 19.19
C GLY A 291 -17.37 -7.45 18.90
N VAL A 292 -17.40 -6.85 17.71
CA VAL A 292 -16.37 -5.91 17.30
C VAL A 292 -16.35 -4.75 18.30
N CYS A 293 -17.54 -4.22 18.55
CA CYS A 293 -17.72 -3.07 19.41
C CYS A 293 -17.34 -3.39 20.85
N GLU A 294 -17.93 -4.44 21.41
CA GLU A 294 -17.62 -4.80 22.79
C GLU A 294 -16.13 -5.01 22.99
N GLU A 295 -15.48 -5.68 22.06
CA GLU A 295 -14.04 -5.91 22.20
C GLU A 295 -13.23 -4.62 22.10
N LEU A 296 -13.57 -3.77 21.13
CA LEU A 296 -12.83 -2.54 20.95
C LEU A 296 -12.91 -1.68 22.20
N LEU A 297 -14.10 -1.56 22.79
CA LEU A 297 -14.24 -0.76 23.98
C LEU A 297 -13.38 -1.40 25.07
N TRP A 298 -13.43 -2.71 25.11
CA TRP A 298 -12.68 -3.52 26.07
C TRP A 298 -11.18 -3.19 25.95
N PHE A 299 -10.67 -3.05 24.73
CA PHE A 299 -9.26 -2.71 24.51
C PHE A 299 -9.00 -1.34 25.11
N LEU A 300 -9.83 -0.37 24.71
CA LEU A 300 -9.71 1.01 25.16
C LEU A 300 -9.59 1.18 26.69
N ARG A 301 -10.24 0.32 27.45
CA ARG A 301 -10.18 0.38 28.91
C ARG A 301 -8.92 -0.31 29.42
N GLY A 302 -8.15 -0.88 28.51
CA GLY A 302 -6.94 -1.57 28.91
C GLY A 302 -7.26 -2.85 29.68
N GLU A 303 -8.32 -3.54 29.30
CA GLU A 303 -8.74 -4.77 29.97
C GLU A 303 -7.85 -5.98 29.58
N THR A 304 -7.81 -7.00 30.44
CA THR A 304 -7.05 -8.21 30.14
C THR A 304 -7.84 -9.47 30.54
N TYR A 305 -9.00 -9.28 31.15
CA TYR A 305 -9.85 -10.39 31.60
C TYR A 305 -10.98 -10.64 30.59
N ALA A 306 -10.78 -11.68 29.77
CA ALA A 306 -11.72 -12.05 28.71
C ALA A 306 -13.12 -12.45 29.17
N LYS A 307 -13.30 -12.72 30.46
CA LYS A 307 -14.62 -13.10 30.94
C LYS A 307 -15.59 -11.92 30.89
N LYS A 308 -15.06 -10.70 30.82
CA LYS A 308 -15.93 -9.54 30.75
C LYS A 308 -16.62 -9.54 29.40
N LEU A 309 -15.97 -10.17 28.41
CA LEU A 309 -16.53 -10.25 27.07
C LEU A 309 -17.48 -11.43 26.96
N SER A 310 -17.06 -12.57 27.50
CA SER A 310 -17.87 -13.77 27.44
C SER A 310 -19.18 -13.57 28.18
N ASP A 311 -19.17 -12.79 29.25
CA ASP A 311 -20.39 -12.53 30.00
C ASP A 311 -21.34 -11.66 29.19
N LYS A 312 -20.89 -11.25 28.01
CA LYS A 312 -21.69 -10.41 27.13
C LYS A 312 -21.97 -11.11 25.82
N GLY A 313 -21.95 -12.43 25.85
CA GLY A 313 -22.22 -13.20 24.65
C GLY A 313 -21.19 -13.00 23.55
N VAL A 314 -19.98 -12.61 23.93
CA VAL A 314 -18.89 -12.43 22.97
C VAL A 314 -17.82 -13.41 23.40
N HIS A 315 -17.78 -14.54 22.71
CA HIS A 315 -16.86 -15.62 23.03
C HIS A 315 -15.60 -15.70 22.17
N ILE A 316 -15.29 -14.63 21.45
CA ILE A 316 -14.11 -14.65 20.59
C ILE A 316 -12.79 -14.89 21.32
N TRP A 317 -12.80 -14.80 22.65
CA TRP A 317 -11.58 -15.01 23.40
C TRP A 317 -11.54 -16.29 24.26
N ASP A 318 -12.61 -17.06 24.24
CA ASP A 318 -12.69 -18.29 25.03
C ASP A 318 -11.59 -19.31 24.72
N ASP A 319 -11.35 -19.54 23.43
CA ASP A 319 -10.34 -20.51 23.02
C ASP A 319 -8.91 -20.16 23.44
N ASN A 320 -8.62 -18.87 23.60
CA ASN A 320 -7.27 -18.46 23.99
C ASN A 320 -7.11 -18.00 25.42
N GLY A 321 -8.16 -18.15 26.23
CA GLY A 321 -8.08 -17.76 27.62
C GLY A 321 -8.47 -18.90 28.55
N SER A 322 -8.65 -20.08 27.96
CA SER A 322 -9.03 -21.27 28.72
C SER A 322 -7.87 -21.82 29.52
N ARG A 323 -8.19 -22.55 30.59
CA ARG A 323 -7.18 -23.15 31.46
C ARG A 323 -6.19 -23.94 30.61
N ALA A 324 -6.72 -24.71 29.67
CA ALA A 324 -5.92 -25.55 28.79
C ALA A 324 -4.95 -24.77 27.90
N PHE A 325 -5.47 -23.79 27.15
CA PHE A 325 -4.59 -23.01 26.28
C PHE A 325 -3.55 -22.25 27.08
N LEU A 326 -3.98 -21.69 28.21
CA LEU A 326 -3.09 -20.93 29.06
C LEU A 326 -1.95 -21.81 29.58
N ASP A 327 -2.25 -23.05 29.94
CA ASP A 327 -1.21 -23.94 30.43
C ASP A 327 -0.27 -24.31 29.30
N SER A 328 -0.80 -24.42 28.08
CA SER A 328 0.03 -24.76 26.93
C SER A 328 1.03 -23.63 26.67
N ARG A 329 0.70 -22.43 27.15
CA ARG A 329 1.58 -21.28 26.99
C ARG A 329 2.45 -21.09 28.23
N GLY A 330 2.33 -22.00 29.18
CA GLY A 330 3.12 -21.92 30.40
C GLY A 330 2.66 -20.83 31.35
N LEU A 331 1.48 -20.28 31.10
CA LEU A 331 0.93 -19.23 31.94
C LEU A 331 0.00 -19.84 32.98
N THR A 332 0.54 -20.75 33.79
CA THR A 332 -0.25 -21.45 34.79
C THR A 332 -0.63 -20.63 36.01
N GLU A 333 0.03 -19.49 36.21
CA GLU A 333 -0.30 -18.67 37.36
C GLU A 333 -1.43 -17.69 37.01
N TYR A 334 -1.93 -17.79 35.79
CA TYR A 334 -3.04 -16.94 35.38
C TYR A 334 -4.35 -17.66 35.63
N GLU A 335 -5.29 -16.93 36.21
CA GLU A 335 -6.62 -17.44 36.46
C GLU A 335 -7.20 -17.64 35.05
N GLU A 336 -8.18 -18.51 34.89
CA GLU A 336 -8.75 -18.72 33.57
C GLU A 336 -9.37 -17.44 33.03
N MET A 337 -9.17 -17.20 31.73
CA MET A 337 -9.66 -16.01 31.03
C MET A 337 -8.81 -14.76 31.27
N ASP A 338 -7.75 -14.90 32.07
CA ASP A 338 -6.82 -13.81 32.30
C ASP A 338 -5.77 -13.98 31.19
N LEU A 339 -5.80 -13.09 30.21
CA LEU A 339 -4.92 -13.15 29.04
C LEU A 339 -3.48 -12.67 29.18
N GLY A 340 -3.19 -11.89 30.21
CA GLY A 340 -1.85 -11.37 30.36
C GLY A 340 -1.87 -9.94 29.84
N PRO A 341 -0.73 -9.25 29.83
CA PRO A 341 -0.65 -7.87 29.36
C PRO A 341 -0.80 -7.68 27.84
N VAL A 342 -1.90 -8.17 27.29
CA VAL A 342 -2.16 -8.07 25.84
C VAL A 342 -2.82 -6.74 25.45
N TYR A 343 -2.92 -6.55 24.13
CA TYR A 343 -3.54 -5.38 23.52
C TYR A 343 -3.74 -4.11 24.34
N GLY A 344 -4.97 -3.91 24.79
CA GLY A 344 -5.31 -2.73 25.57
C GLY A 344 -4.38 -2.42 26.72
N PHE A 345 -3.86 -3.46 27.38
CA PHE A 345 -2.95 -3.24 28.50
C PHE A 345 -1.73 -2.45 28.01
N GLN A 346 -1.22 -2.81 26.84
CA GLN A 346 -0.07 -2.10 26.29
C GLN A 346 -0.51 -0.69 25.85
N TRP A 347 -1.71 -0.58 25.28
CA TRP A 347 -2.20 0.72 24.82
C TRP A 347 -2.24 1.75 25.95
N ARG A 348 -2.78 1.33 27.10
CA ARG A 348 -2.92 2.22 28.23
C ARG A 348 -1.82 2.17 29.29
N HIS A 349 -1.10 1.05 29.36
CA HIS A 349 -0.04 0.88 30.36
C HIS A 349 1.18 0.20 29.76
N PHE A 350 1.59 0.61 28.56
CA PHE A 350 2.75 0.00 27.94
C PHE A 350 3.94 -0.13 28.89
N GLY A 351 4.59 -1.30 28.88
CA GLY A 351 5.75 -1.51 29.72
C GLY A 351 5.52 -1.75 31.20
N ALA A 352 4.28 -1.64 31.67
CA ALA A 352 4.00 -1.87 33.08
C ALA A 352 4.11 -3.36 33.41
N ALA A 353 4.67 -3.65 34.58
CA ALA A 353 4.83 -5.04 35.02
C ALA A 353 3.42 -5.57 35.25
N TYR A 354 3.18 -6.83 34.87
CA TYR A 354 1.86 -7.43 35.04
C TYR A 354 1.92 -8.58 36.03
N THR A 355 0.85 -8.72 36.81
CA THR A 355 0.75 -9.82 37.77
C THR A 355 -0.55 -10.55 37.49
N HIS A 356 -1.68 -9.89 37.76
CA HIS A 356 -3.00 -10.46 37.53
C HIS A 356 -3.96 -9.37 37.02
N HIS A 357 -4.93 -9.78 36.21
CA HIS A 357 -5.90 -8.86 35.61
C HIS A 357 -6.62 -7.88 36.54
N ASP A 358 -6.86 -8.25 37.80
CA ASP A 358 -7.58 -7.36 38.70
C ASP A 358 -6.70 -6.49 39.61
N ALA A 359 -5.40 -6.47 39.36
CA ALA A 359 -4.50 -5.65 40.15
C ALA A 359 -4.73 -4.20 39.72
N ASN A 360 -4.29 -3.25 40.54
CA ASN A 360 -4.44 -1.83 40.22
C ASN A 360 -3.28 -1.38 39.33
N TYR A 361 -3.60 -0.94 38.11
CA TYR A 361 -2.58 -0.50 37.18
C TYR A 361 -2.64 0.99 36.87
N ASP A 362 -3.52 1.69 37.58
CA ASP A 362 -3.68 3.13 37.39
C ASP A 362 -2.34 3.86 37.44
N GLY A 363 -2.02 4.57 36.36
CA GLY A 363 -0.78 5.32 36.30
C GLY A 363 0.49 4.51 36.10
N GLN A 364 0.37 3.23 35.80
CA GLN A 364 1.56 2.41 35.57
C GLN A 364 1.78 2.21 34.07
N GLY A 365 3.03 2.29 33.64
CA GLY A 365 3.35 2.13 32.23
C GLY A 365 3.01 3.37 31.44
N VAL A 366 3.29 3.37 30.14
CA VAL A 366 2.97 4.54 29.33
C VAL A 366 1.55 4.49 28.76
N ASP A 367 0.74 5.51 29.04
CA ASP A 367 -0.62 5.56 28.49
C ASP A 367 -0.56 6.20 27.11
N GLN A 368 -0.32 5.38 26.08
CA GLN A 368 -0.21 5.86 24.72
C GLN A 368 -1.46 6.50 24.17
N ILE A 369 -2.63 5.96 24.51
CA ILE A 369 -3.88 6.50 24.01
C ILE A 369 -4.06 7.92 24.51
N LYS A 370 -3.96 8.09 25.83
CA LYS A 370 -4.10 9.41 26.43
C LYS A 370 -3.11 10.41 25.84
N ALA A 371 -1.87 9.99 25.61
CA ALA A 371 -0.86 10.89 25.06
C ALA A 371 -1.21 11.33 23.63
N ILE A 372 -1.74 10.40 22.84
CA ILE A 372 -2.12 10.71 21.47
C ILE A 372 -3.31 11.67 21.47
N VAL A 373 -4.29 11.42 22.34
CA VAL A 373 -5.46 12.28 22.43
C VAL A 373 -5.04 13.72 22.72
N GLU A 374 -4.03 13.88 23.58
CA GLU A 374 -3.53 15.22 23.90
C GLU A 374 -2.78 15.89 22.76
N THR A 375 -1.93 15.14 22.06
CA THR A 375 -1.19 15.71 20.94
C THR A 375 -2.17 16.09 19.84
N LEU A 376 -3.17 15.25 19.64
CA LEU A 376 -4.18 15.47 18.61
C LEU A 376 -4.93 16.81 18.83
N LYS A 377 -5.06 17.23 20.07
CA LYS A 377 -5.77 18.47 20.35
C LYS A 377 -4.89 19.72 20.39
N THR A 378 -3.58 19.54 20.48
CA THR A 378 -2.70 20.70 20.54
C THR A 378 -1.68 20.79 19.41
N ASN A 379 -1.22 19.64 18.93
CA ASN A 379 -0.22 19.59 17.86
C ASN A 379 -0.64 18.55 16.84
N PRO A 380 -1.80 18.78 16.18
CA PRO A 380 -2.32 17.83 15.17
C PRO A 380 -1.38 17.37 14.05
N ASP A 381 -0.44 18.19 13.63
CA ASP A 381 0.45 17.75 12.55
C ASP A 381 1.70 17.01 13.01
N ASP A 382 1.74 16.67 14.30
CA ASP A 382 2.86 15.94 14.86
C ASP A 382 2.95 14.62 14.10
N ARG A 383 4.17 14.21 13.77
CA ARG A 383 4.38 12.98 13.01
C ARG A 383 4.80 11.78 13.87
N ARG A 384 4.48 11.83 15.16
CA ARG A 384 4.82 10.76 16.08
C ARG A 384 3.59 10.22 16.81
N MET A 385 2.40 10.50 16.28
CA MET A 385 1.17 10.06 16.94
C MET A 385 0.82 8.62 16.64
N LEU A 386 1.39 7.70 17.42
CA LEU A 386 1.10 6.29 17.22
C LEU A 386 1.27 5.48 18.50
N PHE A 387 0.53 4.38 18.60
CA PHE A 387 0.64 3.51 19.75
C PHE A 387 0.92 2.10 19.28
N THR A 388 1.45 1.26 20.17
CA THR A 388 1.76 -0.10 19.80
C THR A 388 1.53 -1.07 20.95
N ALA A 389 1.14 -2.29 20.60
CA ALA A 389 0.92 -3.33 21.59
C ALA A 389 2.06 -4.32 21.48
N TRP A 390 2.89 -4.14 20.46
CA TRP A 390 4.02 -5.03 20.26
C TRP A 390 5.17 -4.70 21.21
N ASN A 391 5.19 -5.37 22.37
CA ASN A 391 6.22 -5.15 23.38
C ASN A 391 7.07 -6.40 23.57
N PRO A 392 8.22 -6.49 22.87
CA PRO A 392 9.10 -7.66 22.97
C PRO A 392 9.31 -8.15 24.41
N SER A 393 9.41 -7.21 25.35
CA SER A 393 9.58 -7.54 26.76
C SER A 393 8.37 -8.29 27.34
N ALA A 394 7.17 -7.89 26.94
CA ALA A 394 5.94 -8.50 27.47
C ALA A 394 5.36 -9.71 26.71
N LEU A 395 5.71 -9.87 25.44
CA LEU A 395 5.22 -11.00 24.63
C LEU A 395 5.12 -12.34 25.34
N PRO A 396 6.23 -12.83 25.92
CA PRO A 396 6.22 -14.13 26.59
C PRO A 396 5.16 -14.30 27.67
N ARG A 397 4.65 -13.19 28.20
CA ARG A 397 3.63 -13.24 29.25
C ARG A 397 2.22 -13.01 28.71
N MET A 398 2.08 -12.92 27.40
CA MET A 398 0.78 -12.70 26.77
C MET A 398 0.19 -14.04 26.30
N ALA A 399 -1.13 -14.16 26.34
CA ALA A 399 -1.78 -15.38 25.89
C ALA A 399 -1.30 -15.62 24.45
N LEU A 400 -1.25 -14.54 23.68
CA LEU A 400 -0.76 -14.60 22.31
C LEU A 400 -0.28 -13.22 21.89
N PRO A 401 0.69 -13.15 20.99
CA PRO A 401 1.21 -11.86 20.54
C PRO A 401 0.16 -11.13 19.70
N PRO A 402 0.18 -9.78 19.73
CA PRO A 402 -0.77 -8.94 19.00
C PRO A 402 -0.78 -9.18 17.49
N CYS A 403 -1.96 -9.09 16.88
CA CYS A 403 -2.11 -9.24 15.44
C CYS A 403 -2.09 -7.84 14.84
N HIS A 404 -3.08 -7.04 15.23
CA HIS A 404 -3.11 -5.64 14.82
C HIS A 404 -2.24 -5.07 15.95
N LEU A 405 -1.01 -4.73 15.61
CA LEU A 405 -0.04 -4.29 16.59
C LEU A 405 0.38 -2.83 16.59
N LEU A 406 0.02 -2.10 15.55
CA LEU A 406 0.41 -0.70 15.49
C LEU A 406 -0.65 0.18 14.86
N ALA A 407 -0.73 1.41 15.35
CA ALA A 407 -1.69 2.38 14.84
C ALA A 407 -1.11 3.79 14.89
N GLN A 408 -1.25 4.52 13.80
CA GLN A 408 -0.74 5.88 13.68
C GLN A 408 -1.85 6.79 13.16
N PHE A 409 -1.95 7.98 13.72
CA PHE A 409 -2.96 8.93 13.30
C PHE A 409 -2.35 10.08 12.52
N TYR A 410 -3.22 10.77 11.78
CA TYR A 410 -2.81 11.89 10.96
C TYR A 410 -4.02 12.80 10.86
N VAL A 411 -3.79 14.09 10.73
CA VAL A 411 -4.87 15.04 10.66
C VAL A 411 -4.68 15.95 9.46
N SER A 412 -5.79 16.31 8.84
CA SER A 412 -5.80 17.22 7.71
C SER A 412 -7.22 17.74 7.55
N ASN A 413 -7.34 19.06 7.51
CA ASN A 413 -8.65 19.71 7.36
C ASN A 413 -9.66 19.28 8.42
N GLY A 414 -9.20 19.24 9.67
CA GLY A 414 -10.06 18.85 10.77
C GLY A 414 -10.51 17.39 10.74
N GLU A 415 -9.96 16.62 9.82
CA GLU A 415 -10.33 15.21 9.68
C GLU A 415 -9.25 14.29 10.25
N LEU A 416 -9.69 13.24 10.94
CA LEU A 416 -8.76 12.29 11.55
C LEU A 416 -8.61 11.02 10.71
N SER A 417 -7.37 10.68 10.40
CA SER A 417 -7.11 9.47 9.65
C SER A 417 -6.34 8.53 10.53
N CYS A 418 -6.41 7.25 10.22
CA CYS A 418 -5.72 6.26 11.01
C CYS A 418 -5.12 5.16 10.15
N MET A 419 -3.96 4.69 10.57
CA MET A 419 -3.25 3.63 9.88
C MET A 419 -2.98 2.47 10.83
N LEU A 420 -3.54 1.32 10.49
CA LEU A 420 -3.36 0.11 11.27
C LEU A 420 -2.32 -0.76 10.59
N TYR A 421 -1.48 -1.42 11.38
CA TYR A 421 -0.49 -2.34 10.84
C TYR A 421 -0.80 -3.71 11.45
N GLN A 422 -1.20 -4.65 10.61
CA GLN A 422 -1.53 -5.98 11.05
C GLN A 422 -0.52 -6.96 10.44
N ARG A 423 0.20 -7.68 11.29
CA ARG A 423 1.24 -8.62 10.85
C ARG A 423 0.71 -9.89 10.19
N SER A 424 -0.45 -10.35 10.67
CA SER A 424 -1.06 -11.58 10.18
C SER A 424 -2.54 -11.30 9.92
N CYS A 425 -3.04 -11.68 8.74
CA CYS A 425 -4.42 -11.37 8.42
C CYS A 425 -5.27 -12.47 7.80
N ASP A 426 -6.17 -13.03 8.59
CA ASP A 426 -7.08 -14.05 8.06
C ASP A 426 -8.15 -13.28 7.28
N MET A 427 -8.05 -13.31 5.96
CA MET A 427 -8.97 -12.60 5.08
C MET A 427 -10.43 -13.00 5.29
N GLY A 428 -10.65 -14.30 5.44
CA GLY A 428 -12.01 -14.80 5.63
C GLY A 428 -12.72 -14.36 6.90
N LEU A 429 -12.12 -14.62 8.06
CA LEU A 429 -12.77 -14.29 9.32
C LEU A 429 -12.19 -13.16 10.16
N GLY A 430 -10.92 -12.83 9.97
CA GLY A 430 -10.32 -11.78 10.77
C GLY A 430 -10.40 -10.35 10.22
N VAL A 431 -9.89 -10.17 9.02
CA VAL A 431 -9.85 -8.85 8.37
C VAL A 431 -11.12 -8.01 8.38
N PRO A 432 -12.28 -8.59 8.08
CA PRO A 432 -13.50 -7.77 8.10
C PRO A 432 -13.76 -7.23 9.49
N PHE A 433 -13.43 -8.06 10.49
CA PHE A 433 -13.61 -7.71 11.89
C PHE A 433 -12.63 -6.60 12.27
N ASN A 434 -11.37 -6.74 11.87
CA ASN A 434 -10.35 -5.76 12.17
C ASN A 434 -10.65 -4.40 11.58
N ILE A 435 -11.09 -4.37 10.32
CA ILE A 435 -11.43 -3.12 9.65
C ILE A 435 -12.51 -2.39 10.45
N ALA A 436 -13.51 -3.15 10.90
CA ALA A 436 -14.62 -2.60 11.68
C ALA A 436 -14.16 -1.99 13.01
N SER A 437 -13.30 -2.71 13.73
CA SER A 437 -12.83 -2.21 15.03
C SER A 437 -11.99 -0.95 14.91
N TYR A 438 -11.05 -0.92 13.97
CA TYR A 438 -10.21 0.25 13.81
C TYR A 438 -10.98 1.43 13.21
N ALA A 439 -12.04 1.13 12.45
CA ALA A 439 -12.87 2.21 11.91
C ALA A 439 -13.55 2.84 13.15
N LEU A 440 -13.98 1.98 14.08
CA LEU A 440 -14.64 2.41 15.31
C LEU A 440 -13.66 3.22 16.16
N LEU A 441 -12.43 2.73 16.28
CA LEU A 441 -11.42 3.41 17.06
C LEU A 441 -11.21 4.86 16.59
N THR A 442 -11.03 5.03 15.28
CA THR A 442 -10.80 6.35 14.70
C THR A 442 -11.95 7.27 15.03
N ILE A 443 -13.17 6.75 14.94
CA ILE A 443 -14.35 7.54 15.24
C ILE A 443 -14.39 7.99 16.70
N LEU A 444 -14.09 7.07 17.60
CA LEU A 444 -14.07 7.41 19.03
C LEU A 444 -12.96 8.41 19.37
N ILE A 445 -11.77 8.21 18.79
CA ILE A 445 -10.66 9.13 19.03
C ILE A 445 -11.03 10.49 18.48
N ALA A 446 -11.62 10.51 17.29
CA ALA A 446 -12.05 11.76 16.67
C ALA A 446 -13.03 12.46 17.60
N LYS A 447 -14.03 11.73 18.09
CA LYS A 447 -15.02 12.28 19.01
C LYS A 447 -14.38 12.83 20.27
N ALA A 448 -13.24 12.24 20.63
CA ALA A 448 -12.53 12.65 21.83
C ALA A 448 -11.55 13.80 21.62
N THR A 449 -11.35 14.21 20.37
CA THR A 449 -10.39 15.27 20.10
C THR A 449 -10.89 16.43 19.26
N GLY A 450 -12.21 16.60 19.17
CA GLY A 450 -12.77 17.69 18.39
C GLY A 450 -12.60 17.53 16.88
N LEU A 451 -12.34 16.32 16.42
CA LEU A 451 -12.14 16.08 15.00
C LEU A 451 -13.26 15.30 14.36
N ARG A 452 -13.20 15.17 13.04
CA ARG A 452 -14.18 14.42 12.26
C ARG A 452 -13.50 13.18 11.68
N PRO A 453 -14.21 12.06 11.64
CA PRO A 453 -13.62 10.82 11.09
C PRO A 453 -13.22 11.03 9.63
N GLY A 454 -12.00 10.66 9.28
CA GLY A 454 -11.55 10.82 7.91
C GLY A 454 -11.44 9.52 7.14
N GLU A 455 -10.28 8.87 7.26
CA GLU A 455 -10.02 7.61 6.58
C GLU A 455 -9.30 6.62 7.48
N LEU A 456 -9.43 5.35 7.11
CA LEU A 456 -8.78 4.27 7.81
C LEU A 456 -7.93 3.59 6.74
N VAL A 457 -6.61 3.53 6.97
CA VAL A 457 -5.74 2.86 6.02
C VAL A 457 -5.32 1.56 6.69
N HIS A 458 -5.40 0.46 5.96
CA HIS A 458 -5.05 -0.84 6.51
C HIS A 458 -3.89 -1.50 5.79
N THR A 459 -2.79 -1.70 6.52
CA THR A 459 -1.61 -2.34 5.97
C THR A 459 -1.60 -3.80 6.39
N LEU A 460 -1.48 -4.70 5.42
CA LEU A 460 -1.50 -6.13 5.70
C LEU A 460 -0.11 -6.77 5.56
N GLY A 461 0.26 -7.60 6.53
CA GLY A 461 1.54 -8.29 6.48
C GLY A 461 1.33 -9.63 5.79
N ASP A 462 1.19 -10.70 6.56
CA ASP A 462 0.93 -12.01 5.99
C ASP A 462 -0.58 -12.06 5.78
N ALA A 463 -1.00 -11.80 4.55
CA ALA A 463 -2.42 -11.79 4.19
C ALA A 463 -2.74 -13.17 3.65
N HIS A 464 -3.63 -13.89 4.32
CA HIS A 464 -3.93 -15.25 3.91
C HIS A 464 -5.39 -15.69 4.00
N VAL A 465 -5.67 -16.79 3.32
CA VAL A 465 -6.99 -17.40 3.30
C VAL A 465 -6.77 -18.84 3.71
N TYR A 466 -7.52 -19.32 4.69
CA TYR A 466 -7.35 -20.70 5.10
C TYR A 466 -7.87 -21.67 4.04
N SER A 467 -7.13 -22.75 3.86
CA SER A 467 -7.45 -23.79 2.89
C SER A 467 -8.91 -24.21 2.98
N ASN A 468 -9.40 -24.39 4.21
CA ASN A 468 -10.79 -24.80 4.42
C ASN A 468 -11.79 -23.66 4.18
N HIS A 469 -11.31 -22.58 3.56
CA HIS A 469 -12.17 -21.43 3.27
C HIS A 469 -12.16 -21.11 1.79
N VAL A 470 -11.18 -21.64 1.07
CA VAL A 470 -11.09 -21.35 -0.35
C VAL A 470 -12.44 -21.46 -1.05
N GLU A 471 -13.06 -22.62 -0.97
CA GLU A 471 -14.34 -22.84 -1.63
C GLU A 471 -15.39 -21.81 -1.21
N PRO A 472 -15.69 -21.72 0.10
CA PRO A 472 -16.69 -20.73 0.51
C PRO A 472 -16.32 -19.30 0.12
N CYS A 473 -15.04 -18.99 0.08
CA CYS A 473 -14.63 -17.64 -0.32
C CYS A 473 -14.93 -17.43 -1.81
N ASN A 474 -14.54 -18.38 -2.64
CA ASN A 474 -14.82 -18.27 -4.08
C ASN A 474 -16.29 -17.93 -4.27
N GLU A 475 -17.14 -18.60 -3.51
CA GLU A 475 -18.58 -18.35 -3.58
C GLU A 475 -18.86 -16.88 -3.28
N GLN A 476 -18.42 -16.42 -2.11
CA GLN A 476 -18.63 -15.04 -1.70
C GLN A 476 -18.22 -14.07 -2.80
N LEU A 477 -17.16 -14.41 -3.52
CA LEU A 477 -16.66 -13.57 -4.61
C LEU A 477 -17.67 -13.36 -5.75
N LYS A 478 -18.77 -14.11 -5.75
CA LYS A 478 -19.79 -13.95 -6.79
C LYS A 478 -20.59 -12.69 -6.53
N ARG A 479 -20.87 -12.44 -5.25
CA ARG A 479 -21.68 -11.29 -4.81
C ARG A 479 -21.13 -9.91 -5.15
N VAL A 480 -22.02 -9.05 -5.64
CA VAL A 480 -21.66 -7.68 -5.96
C VAL A 480 -21.90 -6.92 -4.65
N PRO A 481 -20.84 -6.33 -4.08
CA PRO A 481 -20.99 -5.62 -2.81
C PRO A 481 -21.99 -4.47 -2.86
N ARG A 482 -22.70 -4.30 -1.74
CA ARG A 482 -23.70 -3.26 -1.60
C ARG A 482 -23.10 -2.05 -0.89
N ALA A 483 -23.89 -1.00 -0.76
CA ALA A 483 -23.46 0.21 -0.10
C ALA A 483 -23.18 -0.09 1.38
N PHE A 484 -22.16 0.55 1.94
CA PHE A 484 -21.83 0.37 3.35
C PHE A 484 -22.86 1.05 4.25
N PRO A 485 -22.93 0.64 5.53
CA PRO A 485 -23.88 1.21 6.49
C PRO A 485 -23.30 2.48 7.14
N TYR A 486 -23.94 2.96 8.20
CA TYR A 486 -23.48 4.15 8.90
C TYR A 486 -23.52 3.93 10.42
N LEU A 487 -22.84 4.78 11.16
CA LEU A 487 -22.84 4.65 12.62
C LEU A 487 -23.28 5.95 13.29
N VAL A 488 -24.21 5.85 14.23
CA VAL A 488 -24.68 7.02 14.96
C VAL A 488 -24.70 6.69 16.44
N PHE A 489 -24.49 7.71 17.27
CA PHE A 489 -24.51 7.57 18.73
C PHE A 489 -25.83 8.15 19.24
N ARG A 490 -26.57 7.37 20.01
CA ARG A 490 -27.84 7.85 20.56
C ARG A 490 -27.57 8.69 21.81
N ARG A 491 -26.36 8.58 22.36
CA ARG A 491 -25.94 9.31 23.56
C ARG A 491 -24.41 9.33 23.69
N GLU A 492 -23.91 10.16 24.59
CA GLU A 492 -22.47 10.30 24.81
C GLU A 492 -22.06 10.01 26.27
N ARG A 493 -20.76 10.05 26.54
CA ARG A 493 -20.27 9.77 27.89
C ARG A 493 -19.30 10.84 28.37
N GLU A 494 -19.08 10.90 29.67
CA GLU A 494 -18.15 11.89 30.21
C GLU A 494 -16.72 11.45 29.87
N PHE A 495 -16.48 10.14 29.96
CA PHE A 495 -15.15 9.58 29.68
C PHE A 495 -15.17 8.51 28.58
N LEU A 496 -14.11 8.51 27.77
CA LEU A 496 -13.94 7.58 26.67
C LEU A 496 -14.16 6.13 27.13
N GLU A 497 -13.52 5.78 28.25
CA GLU A 497 -13.60 4.44 28.83
C GLU A 497 -15.00 4.00 29.23
N ASP A 498 -15.93 4.94 29.32
CA ASP A 498 -17.27 4.60 29.77
C ASP A 498 -18.30 4.32 28.68
N TYR A 499 -17.90 4.40 27.41
CA TYR A 499 -18.85 4.13 26.34
C TYR A 499 -19.30 2.67 26.32
N GLU A 500 -20.55 2.45 25.95
CA GLU A 500 -21.08 1.11 25.88
C GLU A 500 -21.57 0.79 24.47
N GLU A 501 -21.52 -0.49 24.10
CA GLU A 501 -21.98 -0.89 22.77
C GLU A 501 -23.36 -0.34 22.47
N GLY A 502 -24.23 -0.30 23.47
CA GLY A 502 -25.58 0.21 23.28
C GLY A 502 -25.68 1.71 23.05
N ASP A 503 -24.58 2.43 23.24
CA ASP A 503 -24.57 3.88 23.06
C ASP A 503 -24.67 4.22 21.58
N MET A 504 -24.23 3.29 20.74
CA MET A 504 -24.22 3.50 19.30
C MET A 504 -25.00 2.43 18.54
N GLU A 505 -25.41 2.77 17.32
CA GLU A 505 -26.13 1.81 16.50
C GLU A 505 -25.77 1.93 15.03
N VAL A 506 -25.65 0.79 14.36
CA VAL A 506 -25.34 0.74 12.94
C VAL A 506 -26.68 0.77 12.22
N ILE A 507 -26.79 1.63 11.21
CA ILE A 507 -28.03 1.75 10.46
C ILE A 507 -27.81 1.51 8.97
N ASP A 508 -28.87 1.09 8.30
CA ASP A 508 -28.83 0.83 6.86
C ASP A 508 -27.74 -0.16 6.47
N TYR A 509 -27.63 -1.24 7.24
CA TYR A 509 -26.68 -2.31 6.99
C TYR A 509 -27.52 -3.42 6.36
N ALA A 510 -27.21 -3.77 5.12
CA ALA A 510 -27.96 -4.80 4.39
C ALA A 510 -27.03 -5.84 3.76
N PRO A 511 -26.39 -6.67 4.58
CA PRO A 511 -25.49 -7.69 4.03
C PRO A 511 -26.20 -8.86 3.37
N TYR A 512 -25.50 -9.54 2.49
CA TYR A 512 -26.06 -10.70 1.82
C TYR A 512 -26.24 -11.79 2.87
N PRO A 513 -27.20 -12.70 2.65
CA PRO A 513 -27.46 -13.80 3.57
C PRO A 513 -26.33 -14.82 3.60
N PRO A 514 -26.28 -15.65 4.65
CA PRO A 514 -25.23 -16.66 4.76
C PRO A 514 -25.04 -17.37 3.44
N ILE A 515 -23.80 -17.47 2.99
CA ILE A 515 -23.48 -18.12 1.72
C ILE A 515 -24.01 -19.57 1.68
N LEU B 3 29.18 -15.35 20.16
CA LEU B 3 28.64 -15.54 21.54
C LEU B 3 27.21 -14.99 21.59
N PHE B 4 27.11 -13.67 21.67
CA PHE B 4 25.82 -13.01 21.65
C PHE B 4 25.74 -12.42 20.25
N LYS B 5 26.73 -12.80 19.43
CA LYS B 5 26.81 -12.37 18.04
C LYS B 5 26.07 -13.41 17.21
N ILE B 6 25.90 -13.14 15.92
CA ILE B 6 25.18 -14.07 15.05
C ILE B 6 26.11 -14.71 14.03
N ARG B 7 26.28 -16.03 14.17
CA ARG B 7 27.16 -16.78 13.27
C ARG B 7 26.55 -17.05 11.90
N MET B 8 27.26 -16.64 10.85
CA MET B 8 26.77 -16.86 9.48
C MET B 8 26.86 -18.36 9.20
N PRO B 9 25.93 -18.90 8.38
CA PRO B 9 25.96 -20.34 8.07
C PRO B 9 27.08 -20.61 7.06
N GLU B 10 27.10 -21.82 6.49
CA GLU B 10 28.12 -22.17 5.51
C GLU B 10 27.64 -21.87 4.09
N THR B 11 26.40 -21.40 3.96
CA THR B 11 25.81 -21.06 2.67
C THR B 11 25.91 -19.56 2.42
N VAL B 12 26.76 -18.89 3.20
CA VAL B 12 26.98 -17.45 3.14
C VAL B 12 27.04 -16.78 1.76
N ALA B 13 28.03 -17.17 0.97
CA ALA B 13 28.24 -16.60 -0.36
C ALA B 13 27.40 -17.07 -1.53
N GLU B 14 26.95 -18.33 -1.53
CA GLU B 14 26.15 -18.83 -2.65
C GLU B 14 24.87 -18.02 -2.92
N GLY B 15 24.12 -17.75 -1.87
CA GLY B 15 22.87 -17.01 -2.02
C GLY B 15 22.98 -15.73 -2.80
N THR B 16 24.11 -15.02 -2.66
CA THR B 16 24.29 -13.75 -3.37
C THR B 16 25.43 -13.76 -4.37
N ARG B 17 25.78 -14.94 -4.88
CA ARG B 17 26.85 -15.04 -5.85
C ARG B 17 26.34 -14.57 -7.21
N LEU B 18 27.02 -13.57 -7.78
CA LEU B 18 26.61 -13.02 -9.07
C LEU B 18 26.72 -14.03 -10.21
N ALA B 19 25.60 -14.28 -10.87
CA ALA B 19 25.55 -15.25 -11.97
C ALA B 19 26.08 -14.66 -13.28
N LEU B 20 25.57 -13.50 -13.66
CA LEU B 20 25.99 -12.83 -14.89
C LEU B 20 26.21 -11.35 -14.62
N ARG B 21 27.23 -10.76 -15.23
CA ARG B 21 27.49 -9.35 -15.03
C ARG B 21 26.61 -8.52 -15.97
N ALA B 22 26.13 -7.38 -15.49
CA ALA B 22 25.28 -6.50 -16.30
C ALA B 22 26.15 -5.92 -17.40
N PHE B 23 25.50 -5.37 -18.43
CA PHE B 23 26.26 -4.80 -19.54
C PHE B 23 25.44 -3.81 -20.37
N SER B 24 26.12 -3.05 -21.21
CA SER B 24 25.48 -2.10 -22.12
C SER B 24 25.79 -2.53 -23.54
N LEU B 25 25.10 -1.92 -24.50
CA LEU B 25 25.29 -2.28 -25.90
C LEU B 25 25.51 -1.03 -26.75
N VAL B 26 26.50 -1.10 -27.64
CA VAL B 26 26.81 0.02 -28.54
C VAL B 26 26.64 -0.51 -29.96
N VAL B 27 26.11 0.33 -30.84
CA VAL B 27 25.90 -0.07 -32.22
C VAL B 27 25.63 1.12 -33.14
N ALA B 28 26.01 0.97 -34.40
CA ALA B 28 25.79 2.00 -35.41
C ALA B 28 24.88 1.32 -36.40
N VAL B 29 23.91 2.05 -36.93
CA VAL B 29 22.96 1.43 -37.82
C VAL B 29 22.51 2.37 -38.93
N ASP B 30 22.21 1.84 -40.11
CA ASP B 30 21.74 2.69 -41.18
C ASP B 30 20.21 2.76 -41.08
N GLU B 31 19.60 3.58 -41.92
CA GLU B 31 18.14 3.75 -41.91
C GLU B 31 17.31 2.48 -42.05
N HIS B 32 17.96 1.33 -42.23
CA HIS B 32 17.24 0.08 -42.39
C HIS B 32 17.60 -0.94 -41.31
N GLY B 33 18.42 -0.52 -40.35
CA GLY B 33 18.82 -1.42 -39.29
C GLY B 33 20.05 -2.23 -39.66
N GLY B 34 20.68 -1.87 -40.78
CA GLY B 34 21.86 -2.58 -41.22
C GLY B 34 23.10 -2.19 -40.44
N ILE B 35 23.98 -3.15 -40.20
CA ILE B 35 25.21 -2.89 -39.46
C ILE B 35 26.43 -3.35 -40.23
N GLY B 36 26.23 -4.16 -41.26
CA GLY B 36 27.35 -4.63 -42.05
C GLY B 36 26.94 -5.65 -43.09
N ASP B 37 27.88 -6.01 -43.97
CA ASP B 37 27.64 -6.98 -45.04
C ASP B 37 28.10 -8.38 -44.68
N GLY B 38 28.61 -8.55 -43.46
CA GLY B 38 29.09 -9.86 -43.03
C GLY B 38 30.59 -9.89 -42.85
N ARG B 39 31.29 -8.95 -43.48
CA ARG B 39 32.74 -8.86 -43.40
C ARG B 39 33.17 -7.48 -42.91
N SER B 40 32.35 -6.46 -43.24
CA SER B 40 32.67 -5.09 -42.87
C SER B 40 31.49 -4.12 -42.79
N ILE B 41 31.78 -2.90 -42.32
CA ILE B 41 30.79 -1.81 -42.17
C ILE B 41 30.82 -0.95 -43.43
N PRO B 42 29.70 -0.94 -44.20
CA PRO B 42 29.54 -0.17 -45.45
C PRO B 42 29.45 1.36 -45.42
N TRP B 43 29.99 1.99 -44.39
CA TRP B 43 29.97 3.44 -44.33
C TRP B 43 31.14 3.89 -43.50
N ASN B 44 31.45 5.19 -43.57
CA ASN B 44 32.55 5.71 -42.80
C ASN B 44 32.17 7.08 -42.25
N VAL B 45 31.83 7.07 -40.97
CA VAL B 45 31.44 8.29 -40.27
C VAL B 45 32.36 8.40 -39.06
N PRO B 46 33.48 9.11 -39.22
CA PRO B 46 34.45 9.29 -38.14
C PRO B 46 33.84 9.78 -36.83
N GLU B 47 32.74 10.53 -36.92
CA GLU B 47 32.10 11.04 -35.72
C GLU B 47 31.60 9.92 -34.80
N ASP B 48 31.02 8.89 -35.41
CA ASP B 48 30.53 7.76 -34.65
C ASP B 48 31.73 7.00 -34.07
N MET B 49 32.81 6.91 -34.84
CA MET B 49 34.00 6.23 -34.37
C MET B 49 34.53 6.88 -33.10
N LYS B 50 34.52 8.21 -33.06
CA LYS B 50 35.01 8.91 -31.88
C LYS B 50 34.05 8.66 -30.71
N PHE B 51 32.76 8.73 -30.99
CA PHE B 51 31.76 8.51 -29.97
C PHE B 51 31.95 7.14 -29.34
N PHE B 52 32.13 6.14 -30.19
CA PHE B 52 32.34 4.76 -29.75
C PHE B 52 33.60 4.65 -28.88
N ARG B 53 34.68 5.26 -29.37
CA ARG B 53 35.96 5.25 -28.68
C ARG B 53 35.77 5.78 -27.26
N ASP B 54 35.23 6.99 -27.16
CA ASP B 54 35.02 7.65 -25.87
C ASP B 54 34.03 6.95 -24.95
N LEU B 55 32.93 6.45 -25.49
CA LEU B 55 31.93 5.79 -24.67
C LEU B 55 32.46 4.54 -23.99
N THR B 56 33.03 3.63 -24.78
CA THR B 56 33.56 2.37 -24.26
C THR B 56 34.91 2.48 -23.56
N THR B 57 35.60 3.61 -23.71
CA THR B 57 36.90 3.79 -23.08
C THR B 57 36.84 4.52 -21.74
N LYS B 58 36.17 5.67 -21.71
CA LYS B 58 36.06 6.49 -20.52
C LYS B 58 35.38 5.89 -19.30
N LEU B 59 35.97 6.16 -18.13
CA LEU B 59 35.46 5.70 -16.84
C LEU B 59 34.67 6.88 -16.26
N ARG B 60 33.64 6.58 -15.47
CA ARG B 60 32.82 7.63 -14.90
C ARG B 60 33.57 8.58 -13.96
N GLY B 61 34.38 8.02 -13.06
CA GLY B 61 35.13 8.84 -12.13
C GLY B 61 35.93 9.96 -12.78
N LYS B 62 36.06 11.08 -12.07
CA LYS B 62 36.80 12.24 -12.58
C LYS B 62 38.31 12.01 -12.57
N ASN B 63 38.91 12.13 -13.76
CA ASN B 63 40.35 11.97 -13.94
C ASN B 63 40.88 10.55 -13.79
N VAL B 64 39.99 9.56 -13.85
CA VAL B 64 40.41 8.18 -13.74
C VAL B 64 40.72 7.65 -15.13
N LYS B 65 41.97 7.25 -15.33
CA LYS B 65 42.42 6.69 -16.60
C LYS B 65 42.40 5.18 -16.49
N PRO B 66 41.92 4.49 -17.54
CA PRO B 66 41.84 3.03 -17.57
C PRO B 66 43.12 2.35 -17.10
N SER B 67 42.97 1.12 -16.61
CA SER B 67 44.10 0.33 -16.11
C SER B 67 43.55 -1.01 -15.64
N PRO B 68 44.39 -2.05 -15.60
CA PRO B 68 43.97 -3.39 -15.16
C PRO B 68 43.14 -3.34 -13.87
N ALA B 69 43.43 -2.34 -13.03
CA ALA B 69 42.72 -2.18 -11.77
C ALA B 69 41.32 -1.61 -11.96
N LYS B 70 41.17 -0.72 -12.93
CA LYS B 70 39.88 -0.09 -13.20
C LYS B 70 39.76 0.37 -14.64
N ARG B 71 38.90 -0.31 -15.40
CA ARG B 71 38.66 0.03 -16.80
C ARG B 71 37.38 -0.66 -17.24
N ASN B 72 36.98 -0.42 -18.49
CA ASN B 72 35.79 -1.06 -19.01
C ASN B 72 36.22 -2.23 -19.88
N ALA B 73 35.27 -3.12 -20.15
CA ALA B 73 35.53 -4.27 -20.99
C ALA B 73 34.68 -4.14 -22.24
N VAL B 74 35.08 -4.83 -23.28
CA VAL B 74 34.38 -4.83 -24.55
C VAL B 74 34.26 -6.27 -25.02
N VAL B 75 33.04 -6.70 -25.36
CA VAL B 75 32.83 -8.06 -25.83
C VAL B 75 32.51 -7.99 -27.33
N MET B 76 33.08 -8.89 -28.11
CA MET B 76 32.84 -8.87 -29.55
C MET B 76 32.92 -10.25 -30.18
N GLY B 77 32.14 -10.46 -31.24
CA GLY B 77 32.15 -11.73 -31.95
C GLY B 77 33.49 -11.87 -32.64
N ARG B 78 33.93 -13.10 -32.90
CA ARG B 78 35.23 -13.31 -33.53
C ARG B 78 35.34 -12.62 -34.89
N LYS B 79 34.26 -12.63 -35.66
CA LYS B 79 34.27 -11.99 -36.98
C LYS B 79 34.47 -10.48 -36.88
N THR B 80 34.05 -9.89 -35.77
CA THR B 80 34.21 -8.45 -35.56
C THR B 80 35.66 -8.17 -35.21
N TRP B 81 36.29 -9.09 -34.50
CA TRP B 81 37.70 -8.93 -34.13
C TRP B 81 38.55 -8.91 -35.39
N ASP B 82 38.21 -9.77 -36.35
CA ASP B 82 38.94 -9.85 -37.61
C ASP B 82 38.70 -8.63 -38.50
N SER B 83 37.55 -7.97 -38.35
CA SER B 83 37.25 -6.80 -39.17
C SER B 83 38.07 -5.57 -38.74
N ILE B 84 38.59 -5.60 -37.53
CA ILE B 84 39.39 -4.47 -37.03
C ILE B 84 40.85 -4.58 -37.51
N PRO B 85 41.32 -3.56 -38.23
CA PRO B 85 42.70 -3.56 -38.74
C PRO B 85 43.69 -3.85 -37.60
N PRO B 86 44.59 -4.84 -37.81
CA PRO B 86 45.59 -5.26 -36.81
C PRO B 86 46.30 -4.12 -36.08
N LYS B 87 46.49 -3.00 -36.75
CA LYS B 87 47.16 -1.88 -36.14
C LYS B 87 46.32 -1.30 -34.99
N PHE B 88 45.00 -1.48 -35.08
CA PHE B 88 44.08 -0.98 -34.06
C PHE B 88 43.67 -2.03 -33.02
N ARG B 89 44.35 -3.17 -32.99
CA ARG B 89 44.02 -4.23 -32.04
C ARG B 89 45.13 -4.54 -31.06
N PRO B 90 44.77 -4.80 -29.79
CA PRO B 90 43.39 -4.79 -29.33
C PRO B 90 42.98 -3.35 -29.02
N LEU B 91 41.70 -3.11 -28.82
CA LEU B 91 41.23 -1.75 -28.52
C LEU B 91 41.85 -1.27 -27.21
N PRO B 92 42.60 -0.15 -27.27
CA PRO B 92 43.29 0.48 -26.14
C PRO B 92 42.43 0.90 -24.95
N GLY B 93 43.01 0.80 -23.75
CA GLY B 93 42.33 1.19 -22.53
C GLY B 93 41.15 0.35 -22.11
N ARG B 94 40.86 -0.71 -22.84
CA ARG B 94 39.73 -1.57 -22.53
C ARG B 94 40.10 -3.03 -22.59
N LEU B 95 39.46 -3.84 -21.76
CA LEU B 95 39.70 -5.28 -21.77
C LEU B 95 39.00 -5.84 -23.00
N ASN B 96 39.76 -6.31 -23.97
CA ASN B 96 39.15 -6.87 -25.17
C ASN B 96 38.75 -8.32 -24.91
N VAL B 97 37.48 -8.63 -25.14
CA VAL B 97 36.95 -9.97 -24.93
C VAL B 97 36.42 -10.51 -26.26
N VAL B 98 36.99 -11.61 -26.74
CA VAL B 98 36.56 -12.16 -28.01
C VAL B 98 35.86 -13.51 -27.90
N LEU B 99 34.73 -13.63 -28.59
CA LEU B 99 33.96 -14.86 -28.59
C LEU B 99 34.42 -15.71 -29.78
N SER B 100 34.94 -16.90 -29.49
CA SER B 100 35.43 -17.78 -30.54
C SER B 100 35.44 -19.24 -30.10
N SER B 101 34.88 -20.10 -30.92
CA SER B 101 34.84 -21.53 -30.62
C SER B 101 36.17 -22.15 -31.01
N THR B 102 36.96 -21.42 -31.79
CA THR B 102 38.25 -21.92 -32.26
C THR B 102 39.46 -21.14 -31.74
N LEU B 103 39.53 -19.84 -32.04
CA LEU B 103 40.65 -19.03 -31.59
C LEU B 103 40.79 -19.00 -30.08
N THR B 104 42.04 -19.04 -29.62
CA THR B 104 42.38 -19.01 -28.20
C THR B 104 42.99 -17.66 -27.84
N THR B 105 43.14 -17.39 -26.56
CA THR B 105 43.71 -16.12 -26.10
C THR B 105 45.05 -15.83 -26.76
N GLN B 106 45.95 -16.81 -26.76
CA GLN B 106 47.26 -16.58 -27.37
C GLN B 106 47.16 -16.52 -28.90
N HIS B 107 46.22 -17.27 -29.46
CA HIS B 107 46.00 -17.29 -30.90
C HIS B 107 45.64 -15.91 -31.41
N LEU B 108 45.12 -15.07 -30.51
CA LEU B 108 44.74 -13.71 -30.85
C LEU B 108 45.98 -12.83 -30.72
N LEU B 109 46.76 -13.10 -29.69
CA LEU B 109 48.00 -12.36 -29.41
C LEU B 109 49.04 -12.55 -30.52
N ASP B 110 48.96 -13.68 -31.23
CA ASP B 110 49.91 -13.98 -32.30
C ASP B 110 49.61 -13.20 -33.58
N GLY B 111 48.34 -12.94 -33.84
CA GLY B 111 47.98 -12.22 -35.05
C GLY B 111 48.31 -10.74 -35.00
N LEU B 112 49.16 -10.35 -34.07
CA LEU B 112 49.55 -8.95 -33.93
C LEU B 112 50.96 -8.67 -34.44
N PRO B 113 51.16 -7.50 -35.05
CA PRO B 113 52.42 -7.01 -35.63
C PRO B 113 53.68 -7.10 -34.75
N ASP B 114 53.63 -6.49 -33.57
CA ASP B 114 54.78 -6.47 -32.67
C ASP B 114 54.83 -7.58 -31.65
N GLU B 115 56.04 -7.81 -31.13
CA GLU B 115 56.30 -8.83 -30.12
C GLU B 115 56.56 -8.11 -28.81
N GLU B 116 57.21 -6.95 -28.91
CA GLU B 116 57.53 -6.13 -27.75
C GLU B 116 56.26 -5.37 -27.38
N LYS B 117 55.13 -5.90 -27.84
CA LYS B 117 53.83 -5.30 -27.59
C LYS B 117 52.89 -6.36 -26.99
N ARG B 118 53.01 -7.60 -27.48
CA ARG B 118 52.17 -8.71 -27.03
C ARG B 118 52.29 -8.98 -25.54
N ASN B 119 53.36 -8.49 -24.92
CA ASN B 119 53.56 -8.69 -23.48
C ASN B 119 52.80 -7.64 -22.68
N LEU B 120 52.42 -6.56 -23.36
CA LEU B 120 51.66 -5.48 -22.73
C LEU B 120 50.17 -5.82 -22.82
N HIS B 121 49.79 -6.43 -23.93
CA HIS B 121 48.40 -6.81 -24.19
C HIS B 121 48.04 -8.15 -23.56
N ALA B 122 49.03 -8.85 -23.02
CA ALA B 122 48.81 -10.15 -22.40
C ALA B 122 47.59 -10.11 -21.47
N ASP B 123 47.52 -9.06 -20.66
CA ASP B 123 46.43 -8.89 -19.71
C ASP B 123 45.29 -8.03 -20.25
N SER B 124 45.32 -7.74 -21.54
CA SER B 124 44.27 -6.91 -22.14
C SER B 124 43.41 -7.64 -23.18
N ILE B 125 43.63 -8.93 -23.33
CA ILE B 125 42.84 -9.72 -24.27
C ILE B 125 42.48 -11.07 -23.67
N VAL B 126 41.27 -11.54 -23.97
CA VAL B 126 40.81 -12.82 -23.48
C VAL B 126 39.76 -13.37 -24.44
N ALA B 127 39.90 -14.66 -24.77
CA ALA B 127 38.98 -15.32 -25.67
C ALA B 127 38.03 -16.19 -24.86
N VAL B 128 36.78 -16.26 -25.27
CA VAL B 128 35.80 -17.08 -24.57
C VAL B 128 35.14 -18.08 -25.51
N ASN B 129 35.39 -19.36 -25.27
CA ASN B 129 34.81 -20.40 -26.08
C ASN B 129 33.35 -20.53 -25.63
N GLY B 130 32.52 -19.65 -26.17
CA GLY B 130 31.11 -19.62 -25.82
C GLY B 130 30.49 -18.31 -26.29
N GLY B 131 29.22 -18.09 -25.94
CA GLY B 131 28.53 -16.87 -26.33
C GLY B 131 28.70 -15.68 -25.40
N LEU B 132 27.81 -14.70 -25.54
CA LEU B 132 27.84 -13.49 -24.71
C LEU B 132 27.57 -13.87 -23.27
N GLU B 133 26.65 -14.81 -23.10
CA GLU B 133 26.25 -15.30 -21.78
C GLU B 133 27.48 -15.86 -21.07
N GLN B 134 28.26 -16.68 -21.77
CA GLN B 134 29.46 -17.26 -21.20
C GLN B 134 30.43 -16.16 -20.79
N ALA B 135 30.52 -15.12 -21.61
CA ALA B 135 31.40 -14.00 -21.30
C ALA B 135 30.87 -13.27 -20.06
N LEU B 136 29.56 -13.02 -20.04
CA LEU B 136 28.93 -12.33 -18.91
C LEU B 136 29.16 -13.09 -17.60
N ARG B 137 29.27 -14.42 -17.66
CA ARG B 137 29.51 -15.20 -16.45
C ARG B 137 30.97 -15.07 -16.04
N LEU B 138 31.86 -15.06 -17.03
CA LEU B 138 33.28 -14.93 -16.77
C LEU B 138 33.56 -13.55 -16.18
N LEU B 139 32.92 -12.53 -16.74
CA LEU B 139 33.11 -11.16 -16.27
C LEU B 139 32.54 -10.92 -14.86
N ALA B 140 31.59 -11.77 -14.44
CA ALA B 140 30.99 -11.64 -13.12
C ALA B 140 31.89 -12.18 -12.00
N SER B 141 32.85 -13.03 -12.35
CA SER B 141 33.76 -13.60 -11.37
C SER B 141 34.60 -12.52 -10.67
N PRO B 142 35.19 -12.87 -9.52
CA PRO B 142 36.04 -12.00 -8.66
C PRO B 142 37.16 -11.19 -9.28
N ASN B 143 37.91 -11.72 -10.25
CA ASN B 143 38.99 -10.91 -10.78
C ASN B 143 38.59 -9.93 -11.89
N TYR B 144 37.31 -9.94 -12.26
CA TYR B 144 36.79 -9.02 -13.26
C TYR B 144 35.78 -8.06 -12.64
N THR B 145 35.08 -8.52 -11.61
CA THR B 145 34.10 -7.71 -10.91
C THR B 145 34.62 -7.45 -9.49
N PRO B 146 34.64 -6.18 -9.04
CA PRO B 146 34.24 -4.93 -9.71
C PRO B 146 35.36 -4.18 -10.42
N SER B 147 36.47 -4.86 -10.74
CA SER B 147 37.56 -4.18 -11.41
C SER B 147 37.05 -3.58 -12.72
N ILE B 148 36.21 -4.32 -13.44
CA ILE B 148 35.64 -3.82 -14.69
C ILE B 148 34.41 -2.98 -14.32
N GLU B 149 34.44 -1.69 -14.64
CA GLU B 149 33.33 -0.80 -14.31
C GLU B 149 32.09 -1.01 -15.19
N THR B 150 32.27 -1.01 -16.50
CA THR B 150 31.15 -1.24 -17.41
C THR B 150 31.53 -2.23 -18.51
N VAL B 151 30.60 -3.12 -18.84
CA VAL B 151 30.81 -4.11 -19.88
C VAL B 151 29.99 -3.69 -21.10
N TYR B 152 30.65 -3.47 -22.23
CA TYR B 152 29.99 -3.07 -23.47
C TYR B 152 29.99 -4.14 -24.56
N CYS B 153 28.82 -4.45 -25.10
CA CYS B 153 28.71 -5.41 -26.19
C CYS B 153 28.93 -4.53 -27.42
N ILE B 154 30.08 -4.66 -28.06
CA ILE B 154 30.38 -3.81 -29.20
C ILE B 154 30.10 -4.38 -30.57
N GLY B 155 29.53 -5.56 -30.64
CA GLY B 155 29.26 -6.05 -31.97
C GLY B 155 29.35 -7.50 -32.34
N GLY B 156 28.80 -7.71 -33.53
CA GLY B 156 28.69 -9.01 -34.14
C GLY B 156 27.20 -9.16 -34.19
N GLY B 157 26.64 -9.37 -35.37
CA GLY B 157 25.20 -9.55 -35.49
C GLY B 157 24.72 -10.57 -34.49
N SER B 158 25.38 -11.73 -34.47
CA SER B 158 25.00 -12.82 -33.56
C SER B 158 25.14 -12.43 -32.10
N VAL B 159 26.12 -11.57 -31.81
CA VAL B 159 26.34 -11.14 -30.44
C VAL B 159 25.19 -10.23 -30.01
N TYR B 160 24.86 -9.24 -30.84
CA TYR B 160 23.77 -8.31 -30.56
C TYR B 160 22.49 -9.13 -30.37
N ALA B 161 22.28 -10.09 -31.27
CA ALA B 161 21.10 -10.95 -31.23
C ALA B 161 21.00 -11.70 -29.89
N GLU B 162 22.13 -12.21 -29.40
CA GLU B 162 22.11 -12.94 -28.13
C GLU B 162 21.82 -12.00 -26.97
N ALA B 163 22.34 -10.77 -27.03
CA ALA B 163 22.12 -9.80 -25.97
C ALA B 163 20.67 -9.33 -25.91
N LEU B 164 19.94 -9.52 -27.02
CA LEU B 164 18.55 -9.10 -27.11
C LEU B 164 17.53 -10.18 -26.79
N ARG B 165 18.00 -11.35 -26.39
CA ARG B 165 17.10 -12.42 -26.01
C ARG B 165 17.52 -12.86 -24.62
N PRO B 166 16.62 -13.54 -23.88
CA PRO B 166 16.97 -14.00 -22.53
C PRO B 166 18.08 -15.04 -22.61
N PRO B 167 18.89 -15.19 -21.55
CA PRO B 167 18.84 -14.45 -20.29
C PRO B 167 19.55 -13.10 -20.33
N CYS B 168 20.28 -12.85 -21.41
CA CYS B 168 21.05 -11.61 -21.55
C CYS B 168 20.30 -10.27 -21.51
N VAL B 169 19.14 -10.17 -22.16
CA VAL B 169 18.40 -8.89 -22.15
C VAL B 169 18.05 -8.39 -20.76
N HIS B 170 17.85 -9.32 -19.83
CA HIS B 170 17.50 -8.95 -18.47
C HIS B 170 18.68 -8.27 -17.78
N LEU B 171 19.84 -8.34 -18.41
CA LEU B 171 21.04 -7.73 -17.85
C LEU B 171 21.54 -6.55 -18.66
N LEU B 172 20.78 -6.14 -19.66
CA LEU B 172 21.15 -5.01 -20.50
C LEU B 172 20.68 -3.70 -19.84
N GLN B 173 21.64 -2.87 -19.44
CA GLN B 173 21.36 -1.59 -18.78
C GLN B 173 21.02 -0.45 -19.75
N ALA B 174 21.56 -0.51 -20.96
CA ALA B 174 21.31 0.53 -21.95
C ALA B 174 21.79 0.17 -23.36
N ILE B 175 21.18 0.80 -24.35
CA ILE B 175 21.50 0.59 -25.75
C ILE B 175 21.88 1.91 -26.41
N TYR B 176 23.15 2.03 -26.81
CA TYR B 176 23.59 3.24 -27.48
C TYR B 176 23.56 2.94 -28.96
N ARG B 177 22.62 3.57 -29.66
CA ARG B 177 22.47 3.32 -31.08
C ARG B 177 22.62 4.55 -31.95
N THR B 178 23.61 4.52 -32.84
CA THR B 178 23.85 5.59 -33.78
C THR B 178 23.12 5.25 -35.07
N THR B 179 22.44 6.24 -35.65
CA THR B 179 21.73 6.03 -36.90
C THR B 179 22.41 6.82 -38.02
N ILE B 180 22.84 6.09 -39.05
CA ILE B 180 23.51 6.68 -40.22
C ILE B 180 22.55 6.70 -41.41
N ARG B 181 22.19 7.88 -41.90
CA ARG B 181 21.32 7.97 -43.06
C ARG B 181 22.21 7.79 -44.29
N ALA B 182 22.58 6.55 -44.57
CA ALA B 182 23.46 6.22 -45.69
C ALA B 182 22.79 6.23 -47.05
N SER B 183 23.44 6.88 -48.02
CA SER B 183 22.94 6.96 -49.38
C SER B 183 23.04 5.59 -50.04
N GLU B 184 23.84 4.71 -49.44
CA GLU B 184 24.03 3.36 -49.93
C GLU B 184 23.27 2.39 -49.04
N SER B 185 22.97 1.19 -49.55
CA SER B 185 22.25 0.19 -48.78
C SER B 185 22.77 -1.20 -49.11
N SER B 186 23.94 -1.53 -48.54
CA SER B 186 24.58 -2.81 -48.78
C SER B 186 24.83 -3.61 -47.50
N CYS B 187 23.76 -3.90 -46.77
CA CYS B 187 23.85 -4.65 -45.53
C CYS B 187 23.08 -5.96 -45.59
N SER B 188 23.63 -6.98 -44.93
CA SER B 188 23.01 -8.30 -44.89
C SER B 188 22.90 -8.77 -43.45
N VAL B 189 23.53 -8.01 -42.55
CA VAL B 189 23.50 -8.30 -41.11
C VAL B 189 22.85 -7.08 -40.45
N PHE B 190 21.80 -7.31 -39.67
CA PHE B 190 21.09 -6.21 -39.03
C PHE B 190 21.03 -6.23 -37.51
N PHE B 191 20.42 -5.19 -36.95
CA PHE B 191 20.24 -5.05 -35.51
C PHE B 191 18.83 -4.51 -35.25
N ARG B 192 17.95 -5.36 -34.75
CA ARG B 192 16.60 -4.91 -34.45
C ARG B 192 16.13 -5.22 -33.03
N VAL B 193 15.50 -4.23 -32.42
CA VAL B 193 14.96 -4.33 -31.07
C VAL B 193 13.50 -4.80 -31.18
N PRO B 194 13.18 -5.96 -30.59
CA PRO B 194 11.82 -6.50 -30.62
C PRO B 194 10.73 -5.49 -30.27
N GLU B 195 9.63 -5.54 -31.01
CA GLU B 195 8.50 -4.64 -30.78
C GLU B 195 7.96 -4.91 -29.37
N SER B 196 7.48 -3.86 -28.70
CA SER B 196 6.94 -4.01 -27.34
C SER B 196 5.77 -4.99 -27.31
N GLY B 197 5.49 -5.52 -26.12
CA GLY B 197 4.39 -6.46 -25.96
C GLY B 197 4.65 -7.85 -26.50
N THR B 198 5.56 -7.94 -27.47
CA THR B 198 5.92 -9.22 -28.09
C THR B 198 6.74 -10.08 -27.13
N GLU B 199 6.64 -11.39 -27.30
CA GLU B 199 7.38 -12.30 -26.43
C GLU B 199 8.87 -12.01 -26.58
N ALA B 200 9.26 -11.56 -27.77
CA ALA B 200 10.65 -11.24 -28.04
C ALA B 200 11.14 -10.06 -27.19
N ALA B 201 10.20 -9.25 -26.72
CA ALA B 201 10.53 -8.10 -25.89
C ALA B 201 10.95 -8.53 -24.49
N ALA B 202 10.48 -9.70 -24.06
CA ALA B 202 10.81 -10.28 -22.76
C ALA B 202 10.04 -9.66 -21.61
N GLY B 203 9.50 -8.48 -21.82
CA GLY B 203 8.74 -7.80 -20.79
C GLY B 203 9.36 -6.43 -20.57
N ILE B 204 10.32 -6.13 -21.44
CA ILE B 204 11.04 -4.88 -21.39
C ILE B 204 10.47 -3.88 -22.38
N GLU B 205 10.46 -2.62 -21.99
CA GLU B 205 9.94 -1.53 -22.83
C GLU B 205 11.06 -0.50 -22.93
N TRP B 206 11.74 -0.47 -24.08
CA TRP B 206 12.83 0.46 -24.26
C TRP B 206 12.34 1.86 -24.56
N GLN B 207 12.84 2.82 -23.80
CA GLN B 207 12.45 4.19 -24.02
C GLN B 207 13.66 5.09 -24.17
N ARG B 208 13.50 6.10 -25.01
CA ARG B 208 14.55 7.06 -25.30
C ARG B 208 14.87 7.95 -24.10
N GLU B 209 16.13 8.00 -23.73
CA GLU B 209 16.55 8.87 -22.64
C GLU B 209 17.03 10.11 -23.37
N THR B 210 17.80 9.88 -24.43
CA THR B 210 18.34 10.98 -25.20
C THR B 210 18.43 10.69 -26.69
N ILE B 211 18.47 11.76 -27.45
CA ILE B 211 18.63 11.70 -28.90
C ILE B 211 19.24 13.04 -29.28
N SER B 212 20.33 12.98 -30.02
CA SER B 212 21.03 14.17 -30.47
C SER B 212 20.28 14.83 -31.60
N GLU B 213 20.75 16.00 -32.00
CA GLU B 213 20.16 16.70 -33.12
C GLU B 213 20.67 15.92 -34.33
N GLU B 214 20.24 16.29 -35.53
CA GLU B 214 20.73 15.62 -36.72
C GLU B 214 22.09 16.23 -37.04
N LEU B 215 23.15 15.42 -36.99
CA LEU B 215 24.49 15.94 -37.25
C LEU B 215 24.99 15.63 -38.65
N THR B 216 25.85 16.51 -39.15
CA THR B 216 26.45 16.37 -40.48
C THR B 216 27.92 15.96 -40.40
N SER B 217 28.23 14.77 -40.93
CA SER B 217 29.59 14.25 -40.92
C SER B 217 30.54 15.04 -41.83
N ALA B 218 31.82 15.07 -41.47
CA ALA B 218 32.81 15.78 -42.27
C ALA B 218 33.57 14.77 -43.11
N ASN B 219 32.90 13.66 -43.44
CA ASN B 219 33.50 12.60 -44.23
C ASN B 219 33.57 12.90 -45.72
N GLY B 220 33.24 14.12 -46.11
CA GLY B 220 33.29 14.49 -47.51
C GLY B 220 31.98 14.27 -48.23
N ASN B 221 31.07 13.53 -47.60
CA ASN B 221 29.77 13.25 -48.18
C ASN B 221 28.65 13.90 -47.37
N GLU B 222 29.04 14.67 -46.35
CA GLU B 222 28.10 15.35 -45.48
C GLU B 222 27.01 14.41 -44.97
N THR B 223 27.34 13.13 -44.86
CA THR B 223 26.39 12.14 -44.41
C THR B 223 25.70 12.60 -43.13
N LYS B 224 24.38 12.42 -43.09
CA LYS B 224 23.57 12.81 -41.93
C LYS B 224 23.50 11.65 -40.95
N TYR B 225 23.61 11.97 -39.65
CA TYR B 225 23.57 10.95 -38.61
C TYR B 225 23.14 11.56 -37.29
N TYR B 226 22.77 10.70 -36.33
CA TYR B 226 22.37 11.14 -35.00
C TYR B 226 22.54 10.00 -34.02
N PHE B 227 22.77 10.36 -32.76
CA PHE B 227 22.96 9.36 -31.71
C PHE B 227 21.69 9.22 -30.89
N GLU B 228 21.50 8.04 -30.30
CA GLU B 228 20.32 7.81 -29.50
C GLU B 228 20.60 6.81 -28.38
N LYS B 229 20.04 7.09 -27.20
CA LYS B 229 20.23 6.21 -26.07
C LYS B 229 18.90 5.64 -25.56
N LEU B 230 18.83 4.32 -25.49
CA LEU B 230 17.65 3.62 -25.02
C LEU B 230 17.93 2.93 -23.69
N ILE B 231 16.94 2.91 -22.81
CA ILE B 231 17.10 2.26 -21.51
C ILE B 231 15.84 1.48 -21.16
N PRO B 232 15.99 0.39 -20.39
CA PRO B 232 14.86 -0.43 -19.99
C PRO B 232 14.04 0.23 -18.88
N ARG B 233 12.74 0.36 -19.13
CA ARG B 233 11.83 0.97 -18.18
C ARG B 233 11.99 0.41 -16.76
N ASN B 234 12.17 1.31 -15.79
CA ASN B 234 12.32 0.91 -14.39
C ASN B 234 11.02 1.26 -13.69
N ARG B 235 10.07 0.34 -13.72
CA ARG B 235 8.78 0.59 -13.10
C ARG B 235 8.86 0.76 -11.59
N GLU B 236 9.86 0.15 -10.96
CA GLU B 236 10.02 0.28 -9.52
C GLU B 236 10.37 1.71 -9.12
N GLU B 237 11.29 2.34 -9.86
CA GLU B 237 11.65 3.70 -9.53
C GLU B 237 10.50 4.62 -9.94
N GLU B 238 9.72 4.19 -10.93
CA GLU B 238 8.59 5.01 -11.37
C GLU B 238 7.56 5.07 -10.25
N GLN B 239 7.46 3.99 -9.47
CA GLN B 239 6.54 3.94 -8.32
C GLN B 239 6.85 5.18 -7.49
N TYR B 240 8.13 5.32 -7.17
CA TYR B 240 8.62 6.41 -6.35
C TYR B 240 8.40 7.80 -6.95
N LEU B 241 8.70 7.96 -8.23
CA LEU B 241 8.50 9.26 -8.87
C LEU B 241 7.00 9.59 -8.89
N SER B 242 6.18 8.61 -9.26
CA SER B 242 4.74 8.82 -9.29
C SER B 242 4.21 9.27 -7.95
N LEU B 243 4.68 8.65 -6.87
CA LEU B 243 4.22 9.04 -5.54
C LEU B 243 4.64 10.47 -5.18
N VAL B 244 5.89 10.83 -5.49
CA VAL B 244 6.35 12.18 -5.20
C VAL B 244 5.49 13.20 -5.95
N ASP B 245 5.20 12.89 -7.22
CA ASP B 245 4.41 13.77 -8.05
C ASP B 245 2.98 13.93 -7.52
N ARG B 246 2.40 12.82 -7.09
CA ARG B 246 1.05 12.82 -6.54
C ARG B 246 1.04 13.66 -5.27
N ILE B 247 2.06 13.47 -4.43
CA ILE B 247 2.14 14.20 -3.17
C ILE B 247 2.24 15.69 -3.42
N ILE B 248 2.97 16.07 -4.46
CA ILE B 248 3.15 17.47 -4.81
C ILE B 248 1.89 18.09 -5.41
N ARG B 249 1.19 17.32 -6.23
CA ARG B 249 -0.03 17.82 -6.89
C ARG B 249 -1.31 17.75 -6.05
N GLU B 250 -1.38 16.82 -5.10
CA GLU B 250 -2.59 16.68 -4.30
C GLU B 250 -2.39 16.64 -2.78
N GLY B 251 -1.13 16.67 -2.34
CA GLY B 251 -0.86 16.60 -0.91
C GLY B 251 -1.44 17.78 -0.16
N ASN B 252 -1.74 17.56 1.12
CA ASN B 252 -2.28 18.60 1.99
C ASN B 252 -1.11 19.53 2.31
N VAL B 253 -1.40 20.82 2.41
CA VAL B 253 -0.37 21.81 2.72
C VAL B 253 -0.36 22.08 4.23
N LYS B 254 0.83 22.10 4.82
CA LYS B 254 0.97 22.37 6.25
C LYS B 254 2.24 23.15 6.53
N HIS B 255 2.22 23.93 7.61
CA HIS B 255 3.40 24.67 8.02
C HIS B 255 3.55 24.42 9.50
N ASP B 256 4.75 24.03 9.92
CA ASP B 256 4.98 23.76 11.33
C ASP B 256 5.25 25.03 12.15
N ARG B 257 5.56 24.82 13.43
CA ARG B 257 5.81 25.90 14.37
C ARG B 257 6.92 26.86 13.95
N THR B 258 7.62 26.53 12.87
CA THR B 258 8.70 27.38 12.37
C THR B 258 8.34 27.99 11.02
N GLY B 259 7.23 27.53 10.45
CA GLY B 259 6.82 28.03 9.16
C GLY B 259 7.37 27.16 8.05
N VAL B 260 7.87 25.98 8.41
CA VAL B 260 8.43 25.04 7.42
C VAL B 260 7.30 24.30 6.69
N GLY B 261 7.18 24.56 5.39
CA GLY B 261 6.12 23.94 4.60
C GLY B 261 6.32 22.51 4.10
N THR B 262 5.19 21.80 3.96
CA THR B 262 5.20 20.42 3.47
C THR B 262 3.93 20.09 2.70
N LEU B 263 4.05 19.17 1.75
CA LEU B 263 2.93 18.69 0.97
C LEU B 263 2.91 17.22 1.40
N SER B 264 1.76 16.72 1.85
CA SER B 264 1.72 15.34 2.32
C SER B 264 0.43 14.55 2.13
N ILE B 265 0.59 13.24 2.20
CA ILE B 265 -0.53 12.32 2.11
C ILE B 265 -0.26 11.34 3.25
N PHE B 266 -1.25 10.53 3.59
CA PHE B 266 -1.10 9.56 4.66
C PHE B 266 -1.36 8.13 4.18
N GLY B 267 -0.32 7.31 4.25
CA GLY B 267 -0.45 5.91 3.86
C GLY B 267 -0.12 5.61 2.41
N ALA B 268 0.98 4.88 2.20
CA ALA B 268 1.41 4.47 0.86
C ALA B 268 2.26 3.21 0.97
N GLN B 269 2.46 2.53 -0.15
CA GLN B 269 3.25 1.32 -0.15
C GLN B 269 3.96 1.15 -1.49
N MET B 270 5.22 0.71 -1.43
CA MET B 270 6.00 0.48 -2.63
C MET B 270 6.68 -0.88 -2.51
N ARG B 271 7.12 -1.43 -3.64
CA ARG B 271 7.78 -2.73 -3.69
C ARG B 271 9.07 -2.64 -4.46
N PHE B 272 10.07 -3.40 -4.02
CA PHE B 272 11.34 -3.38 -4.71
C PHE B 272 11.92 -4.77 -4.73
N SER B 273 12.39 -5.21 -5.90
CA SER B 273 12.97 -6.53 -6.01
C SER B 273 14.44 -6.52 -5.59
N LEU B 274 14.87 -7.59 -4.92
CA LEU B 274 16.24 -7.73 -4.46
C LEU B 274 16.82 -8.99 -5.08
N ARG B 275 16.07 -9.59 -6.00
CA ARG B 275 16.51 -10.80 -6.64
C ARG B 275 17.73 -10.61 -7.56
N ASN B 276 18.54 -11.66 -7.66
CA ASN B 276 19.71 -11.65 -8.54
C ASN B 276 20.63 -10.47 -8.31
N ASN B 277 20.95 -10.20 -7.05
CA ASN B 277 21.86 -9.11 -6.69
C ASN B 277 21.35 -7.68 -6.90
N ARG B 278 20.15 -7.52 -7.47
CA ARG B 278 19.59 -6.19 -7.69
C ARG B 278 19.57 -5.36 -6.41
N LEU B 279 19.92 -4.08 -6.53
CA LEU B 279 19.91 -3.18 -5.39
C LEU B 279 19.15 -1.94 -5.82
N PRO B 280 17.99 -1.69 -5.21
CA PRO B 280 17.15 -0.52 -5.53
C PRO B 280 17.68 0.84 -5.10
N LEU B 281 18.78 1.28 -5.73
CA LEU B 281 19.33 2.59 -5.42
C LEU B 281 18.78 3.49 -6.51
N LEU B 282 17.95 4.46 -6.13
CA LEU B 282 17.35 5.35 -7.10
C LEU B 282 18.40 5.94 -8.03
N THR B 283 18.03 6.09 -9.29
CA THR B 283 18.90 6.61 -10.32
C THR B 283 18.66 8.09 -10.63
N THR B 284 17.43 8.58 -10.41
CA THR B 284 17.13 9.97 -10.72
C THR B 284 17.82 10.99 -9.83
N LYS B 285 18.37 10.51 -8.72
CA LYS B 285 19.13 11.34 -7.79
C LYS B 285 20.01 10.41 -6.99
N ARG B 286 21.32 10.55 -7.15
CA ARG B 286 22.29 9.69 -6.46
C ARG B 286 22.03 9.50 -4.97
N VAL B 287 22.22 8.27 -4.50
CA VAL B 287 22.04 7.93 -3.10
C VAL B 287 23.39 7.70 -2.42
N PHE B 288 23.54 8.26 -1.22
CA PHE B 288 24.78 8.14 -0.44
C PHE B 288 24.94 6.71 0.08
N TRP B 289 25.20 5.77 -0.82
CA TRP B 289 25.34 4.39 -0.43
C TRP B 289 26.33 4.11 0.69
N ARG B 290 27.50 4.74 0.65
CA ARG B 290 28.49 4.50 1.69
C ARG B 290 27.92 4.82 3.08
N GLY B 291 27.09 5.87 3.17
CA GLY B 291 26.50 6.24 4.45
C GLY B 291 25.42 5.23 4.86
N VAL B 292 24.59 4.84 3.89
CA VAL B 292 23.53 3.87 4.13
C VAL B 292 24.13 2.61 4.74
N CYS B 293 25.15 2.09 4.07
CA CYS B 293 25.83 0.87 4.49
C CYS B 293 26.50 0.96 5.86
N GLU B 294 27.34 1.98 6.06
CA GLU B 294 28.00 2.16 7.35
C GLU B 294 26.95 2.28 8.45
N GLU B 295 25.87 3.01 8.17
CA GLU B 295 24.84 3.16 9.20
C GLU B 295 24.10 1.87 9.51
N LEU B 296 23.74 1.08 8.49
CA LEU B 296 23.01 -0.16 8.78
C LEU B 296 23.86 -1.12 9.60
N LEU B 297 25.10 -1.33 9.16
CA LEU B 297 26.03 -2.22 9.88
C LEU B 297 26.08 -1.73 11.32
N TRP B 298 26.14 -0.40 11.45
CA TRP B 298 26.18 0.30 12.71
C TRP B 298 24.92 -0.07 13.50
N PHE B 299 23.76 -0.10 12.82
CA PHE B 299 22.50 -0.47 13.50
C PHE B 299 22.59 -1.89 14.05
N LEU B 300 22.94 -2.83 13.15
CA LEU B 300 23.04 -4.27 13.48
C LEU B 300 23.95 -4.59 14.65
N ARG B 301 24.98 -3.77 14.86
CA ARG B 301 25.87 -4.00 15.98
C ARG B 301 25.26 -3.42 17.25
N GLY B 302 24.10 -2.79 17.10
CA GLY B 302 23.45 -2.19 18.25
C GLY B 302 24.22 -0.98 18.80
N GLU B 303 24.90 -0.26 17.91
CA GLU B 303 25.68 0.92 18.28
C GLU B 303 24.79 2.12 18.60
N THR B 304 25.30 3.07 19.37
CA THR B 304 24.54 4.25 19.74
C THR B 304 25.42 5.48 19.72
N TYR B 305 26.71 5.26 19.46
CA TYR B 305 27.69 6.35 19.41
C TYR B 305 27.86 6.83 17.97
N ALA B 306 27.30 8.01 17.67
CA ALA B 306 27.36 8.58 16.32
C ALA B 306 28.77 8.90 15.81
N LYS B 307 29.68 9.18 16.73
CA LYS B 307 31.06 9.49 16.37
C LYS B 307 31.70 8.39 15.51
N LYS B 308 31.30 7.15 15.71
CA LYS B 308 31.84 6.05 14.92
C LYS B 308 31.50 6.28 13.45
N LEU B 309 30.39 6.99 13.22
CA LEU B 309 29.93 7.31 11.88
C LEU B 309 30.66 8.53 11.31
N SER B 310 30.60 9.63 12.04
CA SER B 310 31.25 10.85 11.61
C SER B 310 32.74 10.64 11.37
N ASP B 311 33.33 9.68 12.08
CA ASP B 311 34.75 9.38 11.91
C ASP B 311 35.01 8.74 10.56
N LYS B 312 33.97 8.17 9.97
CA LYS B 312 34.12 7.53 8.68
C LYS B 312 33.63 8.43 7.57
N GLY B 313 33.35 9.68 7.92
CA GLY B 313 32.89 10.62 6.92
C GLY B 313 31.38 10.59 6.76
N VAL B 314 30.69 9.91 7.66
CA VAL B 314 29.24 9.84 7.60
C VAL B 314 28.72 10.78 8.68
N HIS B 315 28.26 11.95 8.26
CA HIS B 315 27.78 12.97 9.19
C HIS B 315 26.27 13.11 9.34
N ILE B 316 25.51 12.12 8.90
CA ILE B 316 24.05 12.19 9.00
C ILE B 316 23.50 12.38 10.40
N TRP B 317 24.26 11.97 11.42
CA TRP B 317 23.81 12.10 12.80
C TRP B 317 24.43 13.26 13.59
N ASP B 318 25.21 14.10 12.92
CA ASP B 318 25.87 15.21 13.61
C ASP B 318 24.95 16.22 14.27
N ASP B 319 23.94 16.69 13.52
CA ASP B 319 23.02 17.67 14.06
C ASP B 319 22.19 17.15 15.24
N ASN B 320 21.97 15.84 15.32
CA ASN B 320 21.18 15.31 16.41
C ASN B 320 22.00 14.69 17.54
N GLY B 321 23.32 14.78 17.43
CA GLY B 321 24.19 14.23 18.46
C GLY B 321 25.07 15.28 19.08
N SER B 322 24.81 16.54 18.74
CA SER B 322 25.61 17.63 19.26
C SER B 322 25.26 17.89 20.72
N ARG B 323 26.18 18.53 21.43
CA ARG B 323 25.98 18.85 22.83
C ARG B 323 24.75 19.73 22.94
N ALA B 324 24.60 20.63 21.97
CA ALA B 324 23.47 21.54 21.97
C ALA B 324 22.14 20.80 21.81
N PHE B 325 22.06 19.93 20.81
CA PHE B 325 20.83 19.20 20.57
C PHE B 325 20.52 18.22 21.69
N LEU B 326 21.54 17.53 22.18
CA LEU B 326 21.35 16.59 23.27
C LEU B 326 20.71 17.31 24.46
N ASP B 327 21.22 18.49 24.79
CA ASP B 327 20.70 19.26 25.91
C ASP B 327 19.27 19.76 25.70
N SER B 328 18.92 20.14 24.47
CA SER B 328 17.58 20.62 24.19
C SER B 328 16.61 19.47 24.45
N ARG B 329 17.18 18.26 24.50
CA ARG B 329 16.42 17.03 24.73
C ARG B 329 16.43 16.62 26.21
N GLY B 330 17.18 17.35 27.02
CA GLY B 330 17.27 17.02 28.43
C GLY B 330 18.32 15.95 28.66
N LEU B 331 19.02 15.56 27.60
CA LEU B 331 20.06 14.55 27.69
C LEU B 331 21.35 15.25 28.07
N THR B 332 21.29 16.00 29.17
CA THR B 332 22.44 16.76 29.65
C THR B 332 23.63 15.94 30.09
N GLU B 333 23.41 14.67 30.44
CA GLU B 333 24.52 13.84 30.90
C GLU B 333 25.13 12.93 29.85
N TYR B 334 24.56 12.91 28.66
CA TYR B 334 25.09 12.08 27.59
C TYR B 334 26.33 12.70 26.98
N GLU B 335 27.40 11.93 26.89
CA GLU B 335 28.61 12.42 26.26
C GLU B 335 28.18 12.84 24.84
N GLU B 336 28.83 13.85 24.27
CA GLU B 336 28.45 14.30 22.94
C GLU B 336 28.54 13.16 21.92
N MET B 337 27.57 13.13 21.01
CA MET B 337 27.47 12.10 19.96
C MET B 337 26.90 10.78 20.48
N ASP B 338 26.59 10.75 21.78
CA ASP B 338 25.98 9.57 22.39
C ASP B 338 24.47 9.82 22.21
N LEU B 339 23.85 9.05 21.32
CA LEU B 339 22.43 9.23 20.98
C LEU B 339 21.41 8.60 21.93
N GLY B 340 21.89 7.81 22.90
CA GLY B 340 20.97 7.15 23.79
C GLY B 340 20.59 5.79 23.22
N PRO B 341 19.59 5.11 23.77
CA PRO B 341 19.17 3.78 23.29
C PRO B 341 18.33 3.82 22.02
N VAL B 342 18.93 4.33 20.94
CA VAL B 342 18.24 4.43 19.66
C VAL B 342 18.34 3.20 18.78
N TYR B 343 17.51 3.19 17.74
CA TYR B 343 17.48 2.14 16.73
C TYR B 343 18.14 0.79 17.09
N GLY B 344 19.36 0.60 16.59
CA GLY B 344 20.11 -0.63 16.81
C GLY B 344 20.08 -1.20 18.21
N PHE B 345 20.14 -0.32 19.22
CA PHE B 345 20.12 -0.78 20.60
C PHE B 345 18.80 -1.50 20.92
N GLN B 346 17.68 -0.93 20.49
CA GLN B 346 16.39 -1.56 20.73
C GLN B 346 16.30 -2.85 19.94
N TRP B 347 16.88 -2.86 18.74
CA TRP B 347 16.88 -4.05 17.88
C TRP B 347 17.58 -5.22 18.57
N ARG B 348 18.72 -4.94 19.19
CA ARG B 348 19.50 -5.98 19.83
C ARG B 348 19.33 -6.10 21.34
N HIS B 349 18.79 -5.05 21.97
CA HIS B 349 18.60 -5.02 23.43
C HIS B 349 17.31 -4.30 23.84
N PHE B 350 16.20 -4.65 23.19
CA PHE B 350 14.94 -4.00 23.51
C PHE B 350 14.59 -4.04 24.99
N GLY B 351 14.30 -2.86 25.55
CA GLY B 351 13.91 -2.76 26.95
C GLY B 351 15.02 -2.66 27.97
N ALA B 352 16.25 -2.97 27.57
CA ALA B 352 17.38 -2.91 28.50
C ALA B 352 17.63 -1.48 28.97
N ALA B 353 18.13 -1.33 30.18
CA ALA B 353 18.43 -0.01 30.70
C ALA B 353 19.70 0.49 30.02
N TYR B 354 19.76 1.78 29.75
CA TYR B 354 20.93 2.36 29.08
C TYR B 354 21.75 3.20 30.06
N THR B 355 23.07 3.18 29.91
CA THR B 355 23.95 3.96 30.77
C THR B 355 24.78 4.91 29.90
N HIS B 356 25.62 4.34 29.05
CA HIS B 356 26.45 5.12 28.13
C HIS B 356 26.79 4.26 26.92
N HIS B 357 27.08 4.88 25.79
CA HIS B 357 27.42 4.15 24.58
C HIS B 357 28.64 3.24 24.77
N ASP B 358 28.60 2.09 24.14
CA ASP B 358 29.69 1.13 24.17
C ASP B 358 30.02 0.47 25.51
N ALA B 359 29.02 0.36 26.37
CA ALA B 359 29.17 -0.34 27.62
C ALA B 359 28.83 -1.72 27.06
N ASN B 360 29.01 -2.79 27.84
CA ASN B 360 28.64 -4.10 27.33
C ASN B 360 27.20 -4.35 27.78
N TYR B 361 26.35 -4.79 26.85
CA TYR B 361 24.95 -5.06 27.16
C TYR B 361 24.53 -6.51 26.95
N ASP B 362 25.49 -7.43 26.97
CA ASP B 362 25.19 -8.84 26.76
C ASP B 362 23.99 -9.34 27.57
N GLY B 363 23.08 -10.04 26.91
CA GLY B 363 21.91 -10.59 27.56
C GLY B 363 20.91 -9.58 28.10
N GLN B 364 21.15 -8.29 27.88
CA GLN B 364 20.23 -7.27 28.37
C GLN B 364 19.19 -6.94 27.31
N GLY B 365 17.93 -6.89 27.74
CA GLY B 365 16.84 -6.60 26.81
C GLY B 365 16.62 -7.78 25.88
N VAL B 366 15.70 -7.63 24.93
CA VAL B 366 15.42 -8.70 23.98
C VAL B 366 16.23 -8.54 22.71
N ASP B 367 16.91 -9.60 22.28
CA ASP B 367 17.69 -9.52 21.05
C ASP B 367 16.76 -9.99 19.92
N GLN B 368 16.00 -9.06 19.36
CA GLN B 368 15.06 -9.36 18.31
C GLN B 368 15.67 -9.89 17.02
N ILE B 369 16.80 -9.33 16.61
CA ILE B 369 17.45 -9.77 15.38
C ILE B 369 17.91 -11.24 15.51
N LYS B 370 18.60 -11.58 16.59
CA LYS B 370 19.08 -12.93 16.78
C LYS B 370 17.92 -13.94 16.73
N ALA B 371 16.83 -13.62 17.42
CA ALA B 371 15.66 -14.49 17.45
C ALA B 371 15.00 -14.70 16.09
N ILE B 372 15.00 -13.66 15.26
CA ILE B 372 14.42 -13.75 13.91
C ILE B 372 15.35 -14.59 13.04
N VAL B 373 16.66 -14.49 13.31
CA VAL B 373 17.60 -15.29 12.55
C VAL B 373 17.28 -16.77 12.81
N GLU B 374 17.06 -17.11 14.08
CA GLU B 374 16.72 -18.49 14.44
C GLU B 374 15.40 -18.98 13.86
N THR B 375 14.34 -18.19 14.01
CA THR B 375 13.02 -18.60 13.49
C THR B 375 13.03 -18.76 11.96
N LEU B 376 13.68 -17.83 11.28
CA LEU B 376 13.78 -17.85 9.82
C LEU B 376 14.38 -19.16 9.33
N LYS B 377 15.30 -19.72 10.11
CA LYS B 377 15.98 -20.96 9.76
C LYS B 377 15.23 -22.22 10.16
N THR B 378 14.38 -22.12 11.18
CA THR B 378 13.65 -23.30 11.65
C THR B 378 12.15 -23.34 11.32
N ASN B 379 11.51 -22.18 11.37
CA ASN B 379 10.06 -22.11 11.10
C ASN B 379 9.77 -20.89 10.25
N PRO B 380 10.17 -20.91 8.96
CA PRO B 380 9.97 -19.82 8.01
C PRO B 380 8.54 -19.36 7.73
N ASP B 381 7.54 -20.18 8.08
CA ASP B 381 6.16 -19.77 7.84
C ASP B 381 5.62 -18.94 9.01
N ASP B 382 6.41 -18.85 10.07
CA ASP B 382 6.04 -18.11 11.26
C ASP B 382 5.60 -16.67 10.91
N ARG B 383 4.62 -16.14 11.62
CA ARG B 383 4.13 -14.79 11.34
C ARG B 383 4.44 -13.81 12.45
N ARG B 384 5.41 -14.13 13.28
CA ARG B 384 5.78 -13.23 14.35
C ARG B 384 7.19 -12.72 14.14
N MET B 385 7.73 -12.91 12.93
CA MET B 385 9.10 -12.47 12.65
C MET B 385 9.30 -10.99 12.37
N LEU B 386 9.20 -10.18 13.41
CA LEU B 386 9.43 -8.76 13.23
C LEU B 386 10.15 -8.14 14.40
N PHE B 387 10.69 -6.96 14.18
CA PHE B 387 11.38 -6.26 15.25
C PHE B 387 10.99 -4.79 15.20
N THR B 388 11.13 -4.12 16.34
CA THR B 388 10.76 -2.72 16.44
C THR B 388 11.76 -1.94 17.28
N ALA B 389 11.85 -0.64 17.04
CA ALA B 389 12.73 0.21 17.82
C ALA B 389 11.80 1.15 18.58
N TRP B 390 10.50 1.02 18.32
CA TRP B 390 9.52 1.88 18.96
C TRP B 390 9.18 1.45 20.38
N ASN B 391 9.97 1.96 21.32
CA ASN B 391 9.79 1.65 22.73
C ASN B 391 9.33 2.91 23.48
N PRO B 392 8.01 3.06 23.67
CA PRO B 392 7.50 4.23 24.38
C PRO B 392 8.20 4.46 25.71
N SER B 393 8.58 3.37 26.37
CA SER B 393 9.27 3.49 27.66
C SER B 393 10.62 4.19 27.54
N ALA B 394 11.34 3.92 26.46
CA ALA B 394 12.67 4.50 26.26
C ALA B 394 12.72 5.76 25.39
N LEU B 395 11.63 6.08 24.71
CA LEU B 395 11.58 7.26 23.85
C LEU B 395 12.29 8.48 24.48
N PRO B 396 11.87 8.91 25.68
CA PRO B 396 12.47 10.06 26.36
C PRO B 396 13.99 10.04 26.47
N ARG B 397 14.59 8.86 26.47
CA ARG B 397 16.04 8.75 26.58
C ARG B 397 16.74 8.80 25.23
N MET B 398 15.95 8.92 24.16
CA MET B 398 16.52 8.95 22.82
C MET B 398 16.82 10.33 22.26
N ALA B 399 17.95 10.44 21.58
CA ALA B 399 18.31 11.70 20.95
C ALA B 399 17.11 12.04 20.07
N LEU B 400 16.61 11.02 19.36
CA LEU B 400 15.45 11.13 18.47
C LEU B 400 14.58 9.89 18.49
N PRO B 401 13.27 10.05 18.27
CA PRO B 401 12.39 8.89 18.26
C PRO B 401 12.58 8.20 16.89
N PRO B 402 12.59 6.87 16.85
CA PRO B 402 12.77 6.15 15.58
C PRO B 402 11.80 6.54 14.47
N CYS B 403 12.29 6.60 13.24
CA CYS B 403 11.49 6.95 12.09
C CYS B 403 11.11 5.67 11.32
N HIS B 404 12.10 4.89 10.90
CA HIS B 404 11.79 3.60 10.28
C HIS B 404 11.80 2.82 11.58
N LEU B 405 10.62 2.40 12.00
CA LEU B 405 10.45 1.75 13.30
C LEU B 405 9.98 0.31 13.39
N LEU B 406 9.69 -0.31 12.25
CA LEU B 406 9.20 -1.68 12.26
C LEU B 406 9.57 -2.42 11.00
N ALA B 407 9.89 -3.69 11.14
CA ALA B 407 10.21 -4.50 9.98
C ALA B 407 9.71 -5.90 10.26
N GLN B 408 9.12 -6.52 9.26
CA GLN B 408 8.62 -7.87 9.39
C GLN B 408 9.17 -8.67 8.23
N PHE B 409 9.59 -9.90 8.51
CA PHE B 409 10.11 -10.76 7.47
C PHE B 409 9.09 -11.83 7.08
N TYR B 410 9.25 -12.34 5.86
CA TYR B 410 8.35 -13.34 5.29
C TYR B 410 9.16 -14.23 4.35
N VAL B 411 8.76 -15.49 4.21
CA VAL B 411 9.49 -16.40 3.36
C VAL B 411 8.62 -17.25 2.45
N SER B 412 9.02 -17.38 1.20
CA SER B 412 8.30 -18.20 0.24
C SER B 412 9.29 -18.59 -0.87
N ASN B 413 9.24 -19.85 -1.29
CA ASN B 413 10.12 -20.36 -2.33
C ASN B 413 11.60 -20.14 -2.01
N GLY B 414 11.95 -20.21 -0.72
CA GLY B 414 13.34 -20.03 -0.33
C GLY B 414 13.85 -18.61 -0.44
N GLU B 415 12.95 -17.63 -0.53
CA GLU B 415 13.36 -16.23 -0.64
C GLU B 415 12.88 -15.43 0.56
N LEU B 416 13.74 -14.53 1.04
CA LEU B 416 13.41 -13.69 2.17
C LEU B 416 12.85 -12.34 1.72
N SER B 417 11.68 -11.99 2.22
CA SER B 417 11.07 -10.71 1.88
C SER B 417 10.94 -9.91 3.18
N CYS B 418 10.91 -8.59 3.06
CA CYS B 418 10.81 -7.75 4.23
C CYS B 418 9.96 -6.52 3.97
N MET B 419 9.21 -6.12 4.99
CA MET B 419 8.41 -4.92 4.89
C MET B 419 8.83 -4.01 6.01
N LEU B 420 9.04 -2.75 5.64
CA LEU B 420 9.43 -1.71 6.58
C LEU B 420 8.25 -0.78 6.83
N TYR B 421 8.04 -0.40 8.09
CA TYR B 421 6.97 0.54 8.39
C TYR B 421 7.66 1.84 8.81
N GLN B 422 7.38 2.91 8.08
CA GLN B 422 7.99 4.21 8.37
C GLN B 422 6.90 5.24 8.63
N ARG B 423 6.90 5.80 9.83
CA ARG B 423 5.90 6.77 10.26
C ARG B 423 5.97 8.14 9.61
N SER B 424 7.19 8.60 9.32
CA SER B 424 7.43 9.92 8.73
C SER B 424 8.38 9.76 7.59
N CYS B 425 7.96 10.16 6.39
CA CYS B 425 8.82 9.98 5.22
C CYS B 425 9.15 11.19 4.36
N ASP B 426 10.40 11.62 4.41
CA ASP B 426 10.85 12.74 3.59
C ASP B 426 11.14 12.09 2.24
N MET B 427 10.20 12.24 1.30
CA MET B 427 10.35 11.63 -0.02
C MET B 427 11.63 12.03 -0.71
N GLY B 428 11.98 13.30 -0.56
CA GLY B 428 13.19 13.80 -1.20
C GLY B 428 14.51 13.32 -0.63
N LEU B 429 14.76 13.60 0.64
CA LEU B 429 16.03 13.24 1.24
C LEU B 429 16.10 11.93 2.05
N GLY B 430 14.98 11.46 2.57
CA GLY B 430 15.00 10.24 3.37
C GLY B 430 14.66 8.90 2.72
N VAL B 431 13.46 8.80 2.19
CA VAL B 431 12.95 7.58 1.56
C VAL B 431 13.95 6.77 0.71
N PRO B 432 14.64 7.42 -0.25
CA PRO B 432 15.59 6.69 -1.08
C PRO B 432 16.65 6.04 -0.20
N PHE B 433 17.10 6.81 0.79
CA PHE B 433 18.11 6.33 1.74
C PHE B 433 17.55 5.15 2.54
N ASN B 434 16.29 5.26 2.93
CA ASN B 434 15.60 4.21 3.70
C ASN B 434 15.42 2.94 2.90
N ILE B 435 15.10 3.09 1.61
CA ILE B 435 14.90 1.94 0.73
C ILE B 435 16.21 1.18 0.63
N ALA B 436 17.30 1.93 0.49
CA ALA B 436 18.62 1.35 0.37
C ALA B 436 18.98 0.62 1.66
N SER B 437 18.78 1.31 2.77
CA SER B 437 19.08 0.77 4.10
C SER B 437 18.40 -0.57 4.36
N TYR B 438 17.09 -0.66 4.12
CA TYR B 438 16.37 -1.90 4.37
C TYR B 438 16.56 -2.97 3.30
N ALA B 439 16.88 -2.57 2.08
CA ALA B 439 17.15 -3.56 1.05
C ALA B 439 18.36 -4.34 1.56
N LEU B 440 19.40 -3.60 1.96
CA LEU B 440 20.64 -4.19 2.47
C LEU B 440 20.40 -5.09 3.68
N LEU B 441 19.53 -4.64 4.59
CA LEU B 441 19.19 -5.41 5.77
C LEU B 441 18.66 -6.79 5.36
N THR B 442 17.67 -6.78 4.47
CA THR B 442 17.06 -8.01 3.99
C THR B 442 18.11 -8.90 3.36
N ILE B 443 19.01 -8.30 2.60
CA ILE B 443 20.07 -9.03 1.94
C ILE B 443 20.96 -9.72 2.97
N LEU B 444 21.42 -8.96 3.95
CA LEU B 444 22.28 -9.51 4.98
C LEU B 444 21.61 -10.63 5.78
N ILE B 445 20.36 -10.40 6.21
CA ILE B 445 19.61 -11.40 6.98
C ILE B 445 19.42 -12.67 6.15
N ALA B 446 19.25 -12.51 4.84
CA ALA B 446 19.10 -13.66 3.95
C ALA B 446 20.38 -14.51 3.94
N LYS B 447 21.52 -13.82 3.86
CA LYS B 447 22.81 -14.51 3.83
C LYS B 447 23.07 -15.20 5.18
N ALA B 448 22.53 -14.64 6.24
CA ALA B 448 22.70 -15.22 7.57
C ALA B 448 21.72 -16.35 7.85
N THR B 449 20.76 -16.57 6.96
CA THR B 449 19.77 -17.61 7.19
C THR B 449 19.63 -18.66 6.10
N GLY B 450 20.59 -18.70 5.18
CA GLY B 450 20.53 -19.67 4.10
C GLY B 450 19.43 -19.41 3.09
N LEU B 451 18.95 -18.17 3.04
CA LEU B 451 17.88 -17.81 2.11
C LEU B 451 18.39 -16.88 1.01
N ARG B 452 17.57 -16.64 -0.01
CA ARG B 452 17.96 -15.74 -1.06
C ARG B 452 17.15 -14.46 -0.97
N PRO B 453 17.74 -13.33 -1.33
CA PRO B 453 17.06 -12.03 -1.28
C PRO B 453 15.78 -12.06 -2.10
N GLY B 454 14.67 -11.66 -1.48
CA GLY B 454 13.39 -11.65 -2.15
C GLY B 454 13.00 -10.24 -2.55
N GLU B 455 12.12 -9.61 -1.77
CA GLU B 455 11.70 -8.26 -2.08
C GLU B 455 11.47 -7.40 -0.85
N LEU B 456 11.60 -6.10 -1.04
CA LEU B 456 11.40 -5.14 0.01
C LEU B 456 10.06 -4.46 -0.22
N VAL B 457 9.19 -4.52 0.80
CA VAL B 457 7.90 -3.86 0.73
C VAL B 457 8.05 -2.68 1.66
N HIS B 458 7.77 -1.48 1.16
CA HIS B 458 7.92 -0.27 1.94
C HIS B 458 6.59 0.42 2.25
N THR B 459 6.20 0.42 3.52
CA THR B 459 4.96 1.07 3.90
C THR B 459 5.25 2.46 4.48
N LEU B 460 4.56 3.46 3.96
CA LEU B 460 4.76 4.83 4.41
C LEU B 460 3.55 5.41 5.11
N GLY B 461 3.79 6.08 6.24
CA GLY B 461 2.72 6.72 6.98
C GLY B 461 2.61 8.14 6.48
N ASP B 462 3.21 9.09 7.20
CA ASP B 462 3.19 10.48 6.79
C ASP B 462 4.22 10.64 5.66
N ALA B 463 3.77 10.60 4.41
CA ALA B 463 4.66 10.74 3.25
C ALA B 463 4.60 12.19 2.80
N HIS B 464 5.76 12.84 2.76
CA HIS B 464 5.79 14.25 2.40
C HIS B 464 6.97 14.76 1.58
N VAL B 465 6.77 15.95 1.03
CA VAL B 465 7.76 16.67 0.24
C VAL B 465 7.80 18.09 0.83
N TYR B 466 8.98 18.54 1.24
CA TYR B 466 9.10 19.88 1.80
C TYR B 466 8.93 20.92 0.71
N SER B 467 8.06 21.90 0.97
CA SER B 467 7.78 22.96 0.00
C SER B 467 9.04 23.48 -0.69
N ASN B 468 10.12 23.58 0.06
CA ASN B 468 11.38 24.05 -0.49
C ASN B 468 11.80 23.12 -1.64
N HIS B 469 11.88 21.83 -1.35
CA HIS B 469 12.29 20.84 -2.34
C HIS B 469 11.41 20.76 -3.58
N VAL B 470 10.25 21.42 -3.57
CA VAL B 470 9.36 21.34 -4.72
C VAL B 470 10.04 21.67 -6.05
N GLU B 471 10.75 22.79 -6.13
CA GLU B 471 11.42 23.17 -7.37
C GLU B 471 12.37 22.07 -7.85
N PRO B 472 13.31 21.63 -6.98
CA PRO B 472 14.26 20.57 -7.35
C PRO B 472 13.56 19.28 -7.77
N CYS B 473 12.55 18.87 -6.99
CA CYS B 473 11.82 17.64 -7.29
C CYS B 473 11.12 17.68 -8.65
N ASN B 474 10.47 18.79 -8.98
CA ASN B 474 9.79 18.88 -10.27
C ASN B 474 10.75 18.66 -11.43
N GLU B 475 12.02 19.02 -11.21
CA GLU B 475 13.01 18.82 -12.25
C GLU B 475 13.38 17.34 -12.27
N GLN B 476 13.68 16.80 -11.10
CA GLN B 476 14.04 15.40 -10.99
C GLN B 476 12.96 14.52 -11.62
N LEU B 477 11.71 14.97 -11.53
CA LEU B 477 10.57 14.22 -12.06
C LEU B 477 10.52 14.16 -13.59
N LYS B 478 11.33 14.97 -14.24
CA LYS B 478 11.37 14.97 -15.69
C LYS B 478 12.26 13.83 -16.20
N ARG B 479 13.23 13.44 -15.38
CA ARG B 479 14.17 12.36 -15.72
C ARG B 479 13.55 10.97 -15.82
N VAL B 480 13.91 10.23 -16.86
CA VAL B 480 13.43 8.86 -17.05
C VAL B 480 14.38 7.97 -16.25
N PRO B 481 13.87 7.27 -15.21
CA PRO B 481 14.72 6.40 -14.38
C PRO B 481 15.57 5.43 -15.18
N ARG B 482 16.75 5.11 -14.65
CA ARG B 482 17.65 4.18 -15.30
C ARG B 482 17.63 2.82 -14.61
N ALA B 483 18.29 1.84 -15.21
CA ALA B 483 18.37 0.51 -14.62
C ALA B 483 19.02 0.60 -13.24
N PHE B 484 18.53 -0.20 -12.30
CA PHE B 484 19.09 -0.22 -10.94
C PHE B 484 20.43 -0.93 -10.95
N PRO B 485 21.30 -0.63 -9.95
CA PRO B 485 22.63 -1.25 -9.84
C PRO B 485 22.56 -2.62 -9.15
N TYR B 486 23.72 -3.23 -8.87
CA TYR B 486 23.77 -4.54 -8.20
C TYR B 486 24.75 -4.51 -7.03
N LEU B 487 24.51 -5.37 -6.03
CA LEU B 487 25.40 -5.43 -4.88
C LEU B 487 26.11 -6.78 -4.85
N VAL B 488 27.44 -6.76 -4.73
CA VAL B 488 28.21 -7.99 -4.66
C VAL B 488 29.08 -8.01 -3.41
N PHE B 489 29.32 -9.20 -2.89
CA PHE B 489 30.15 -9.38 -1.71
C PHE B 489 31.50 -9.91 -2.14
N ARG B 490 32.54 -9.11 -1.94
CA ARG B 490 33.89 -9.52 -2.33
C ARG B 490 34.47 -10.44 -1.26
N ARG B 491 33.86 -10.44 -0.09
CA ARG B 491 34.33 -11.25 1.03
C ARG B 491 33.18 -11.54 1.99
N GLU B 492 33.33 -12.60 2.78
CA GLU B 492 32.31 -12.96 3.77
C GLU B 492 32.89 -12.83 5.19
N ARG B 493 32.06 -13.06 6.20
CA ARG B 493 32.49 -12.95 7.57
C ARG B 493 31.96 -14.09 8.44
N GLU B 494 32.62 -14.36 9.54
CA GLU B 494 32.20 -15.42 10.45
C GLU B 494 30.92 -15.00 11.19
N PHE B 495 30.86 -13.72 11.56
CA PHE B 495 29.71 -13.17 12.27
C PHE B 495 29.10 -11.97 11.55
N LEU B 496 27.78 -11.87 11.59
CA LEU B 496 27.07 -10.77 10.96
C LEU B 496 27.58 -9.41 11.47
N GLU B 497 27.91 -9.33 12.75
CA GLU B 497 28.40 -8.09 13.34
C GLU B 497 29.78 -7.66 12.82
N ASP B 498 30.51 -8.57 12.18
CA ASP B 498 31.85 -8.24 11.68
C ASP B 498 31.90 -7.69 10.25
N TYR B 499 30.76 -7.63 9.56
CA TYR B 499 30.76 -7.12 8.19
C TYR B 499 31.15 -5.65 8.13
N GLU B 500 31.88 -5.31 7.07
CA GLU B 500 32.36 -3.95 6.86
C GLU B 500 31.88 -3.45 5.50
N GLU B 501 31.75 -2.13 5.38
CA GLU B 501 31.32 -1.53 4.12
C GLU B 501 32.22 -1.98 2.97
N GLY B 502 33.52 -2.14 3.26
CA GLY B 502 34.46 -2.57 2.24
C GLY B 502 34.33 -4.02 1.80
N ASP B 503 33.53 -4.80 2.53
CA ASP B 503 33.32 -6.20 2.18
C ASP B 503 32.36 -6.32 1.02
N MET B 504 31.66 -5.23 0.73
CA MET B 504 30.68 -5.25 -0.36
C MET B 504 30.85 -4.10 -1.33
N GLU B 505 30.36 -4.29 -2.55
CA GLU B 505 30.45 -3.24 -3.55
C GLU B 505 29.24 -3.13 -4.48
N VAL B 506 28.85 -1.90 -4.74
CA VAL B 506 27.74 -1.64 -5.63
C VAL B 506 28.38 -1.50 -7.01
N ILE B 507 27.88 -2.24 -7.99
CA ILE B 507 28.44 -2.16 -9.32
C ILE B 507 27.35 -1.74 -10.32
N ASP B 508 27.79 -1.15 -11.43
CA ASP B 508 26.88 -0.70 -12.48
C ASP B 508 25.83 0.30 -12.01
N TYR B 509 26.26 1.26 -11.21
CA TYR B 509 25.40 2.32 -10.70
C TYR B 509 25.76 3.57 -11.50
N ALA B 510 24.82 4.03 -12.33
CA ALA B 510 25.04 5.19 -13.17
C ALA B 510 23.92 6.21 -12.97
N PRO B 511 23.86 6.79 -11.77
CA PRO B 511 22.83 7.78 -11.45
C PRO B 511 22.99 9.07 -12.25
N TYR B 512 21.90 9.82 -12.36
CA TYR B 512 21.91 11.10 -13.06
C TYR B 512 22.74 12.11 -12.26
N PRO B 513 23.18 13.19 -12.92
CA PRO B 513 23.98 14.23 -12.29
C PRO B 513 23.11 15.02 -11.32
N PRO B 514 23.73 15.88 -10.50
CA PRO B 514 22.97 16.69 -9.54
C PRO B 514 21.93 17.52 -10.28
N ILE B 515 20.84 17.84 -9.61
CA ILE B 515 19.79 18.64 -10.21
C ILE B 515 20.15 20.12 -10.07
N1 C50 C . -44.59 1.60 -8.05
C2 C50 C . -43.29 1.56 -7.81
N3 C50 C . -42.64 2.68 -7.26
C4 C50 C . -43.31 3.77 -6.89
N5 C50 C . -44.65 3.87 -7.06
C6 C50 C . -45.41 2.80 -7.78
N7 C50 C . -42.60 0.46 -8.12
N8 C50 C . -42.64 4.77 -6.39
O9 C50 C . -45.29 5.07 -6.77
C10 C50 C . -45.78 5.27 -5.44
C11 C50 C . -46.45 6.66 -5.43
C12 C50 C . -47.87 6.62 -6.07
O13 C50 C . -48.62 5.62 -5.36
C14 C50 C . -49.95 5.38 -5.63
C15 C50 C . -50.56 4.47 -4.80
C16 C50 C . -52.00 4.13 -4.97
C17 C50 C . -52.73 4.72 -5.97
C18 C50 C . -52.07 5.70 -6.88
C19 C50 C . -50.75 6.02 -6.72
CL20 C50 C . -49.64 3.70 -3.51
CL21 C50 C . -52.78 2.97 -3.90
C22 C50 C . -46.67 2.36 -6.99
C23 C50 C . -45.88 3.37 -9.14
PA NDP D . -44.18 15.52 -7.00
O1A NDP D . -42.74 15.55 -6.97
O2A NDP D . -44.97 14.30 -6.61
O5B NDP D . -44.67 16.73 -6.02
C5B NDP D . -44.03 17.98 -6.12
C4B NDP D . -44.53 18.72 -4.92
O4B NDP D . -43.77 18.23 -3.78
C3B NDP D . -44.38 20.18 -4.91
O3B NDP D . -45.22 20.97 -5.80
C2B NDP D . -44.28 20.57 -3.51
O2B NDP D . -45.49 20.73 -2.79
C1B NDP D . -43.40 19.42 -3.06
N9A NDP D . -41.96 19.72 -3.10
C8A NDP D . -40.96 19.12 -3.91
N7A NDP D . -39.78 19.67 -3.67
C5A NDP D . -39.98 20.62 -2.71
C6A NDP D . -39.13 21.53 -2.05
N6A NDP D . -37.83 21.55 -2.35
N1A NDP D . -39.64 22.37 -1.11
C2A NDP D . -40.97 22.33 -0.82
N3A NDP D . -41.87 21.51 -1.39
C4A NDP D . -41.29 20.66 -2.35
O3 NDP D . -44.76 15.97 -8.39
PN NDP D . -44.36 15.91 -9.93
O1N NDP D . -45.27 16.83 -10.63
O2N NDP D . -42.88 16.07 -10.02
O5D NDP D . -44.63 14.36 -10.19
C5D NDP D . -45.98 13.81 -10.08
C4D NDP D . -46.20 12.82 -11.28
O4D NDP D . -45.40 11.70 -10.95
C3D NDP D . -47.64 12.28 -11.25
O3D NDP D . -48.17 12.15 -12.56
C2D NDP D . -47.60 11.00 -10.47
O2D NDP D . -48.59 10.14 -10.95
C1D NDP D . -46.17 10.52 -10.98
N1N NDP D . -45.53 9.55 -10.08
C2N NDP D . -45.03 8.42 -10.73
C3N NDP D . -44.36 7.43 -9.91
C7N NDP D . -43.82 6.22 -10.55
O7N NDP D . -43.21 5.32 -9.93
N7N NDP D . -43.95 6.06 -11.89
C4N NDP D . -44.26 7.67 -8.52
C5N NDP D . -44.77 8.79 -7.90
C6N NDP D . -45.40 9.74 -8.68
P2B NDP D . -46.33 22.03 -2.70
O1X NDP D . -46.72 22.34 -4.10
O2X NDP D . -47.49 21.74 -1.83
O3X NDP D . -45.46 23.17 -2.13
N1 UMP E . -6.17 -12.87 13.20
C2 UMP E . -6.60 -11.80 12.38
N3 UMP E . -6.97 -10.65 13.09
C4 UMP E . -6.94 -10.48 14.48
C5 UMP E . -6.47 -11.64 15.26
C6 UMP E . -6.11 -12.80 14.56
O2 UMP E . -6.67 -11.83 11.15
O4 UMP E . -7.27 -9.42 15.01
C1' UMP E . -5.72 -14.18 12.62
C2' UMP E . -4.40 -14.18 11.83
C3' UMP E . -3.87 -15.60 11.93
C4' UMP E . -4.27 -16.16 13.31
O3' UMP E . -4.56 -16.35 10.90
O4' UMP E . -5.46 -15.29 13.59
C5' UMP E . -3.22 -15.86 14.37
O5' UMP E . -2.06 -16.74 14.17
P UMP E . -0.58 -16.22 14.10
OP1 UMP E . -0.41 -15.21 13.04
OP2 UMP E . -0.26 -15.65 15.43
OP3 UMP E . 0.29 -17.33 13.76
C1 GOL F . -10.54 -11.86 14.84
O1 GOL F . -9.79 -12.95 14.28
C2 GOL F . -11.92 -12.37 15.34
O2 GOL F . -12.64 -11.26 15.91
C3 GOL F . -12.73 -12.96 14.16
O3 GOL F . -14.01 -13.41 14.62
C1 GOL G . -8.80 -8.55 17.81
O1 GOL G . -9.92 -8.08 17.07
C2 GOL G . -8.71 -10.11 17.80
O2 GOL G . -7.57 -10.52 18.55
C3 GOL G . -9.98 -10.74 18.43
O3 GOL G . -9.89 -12.16 18.41
N1 C50 H . 30.07 2.40 -33.73
C2 C50 H . 29.17 2.23 -32.77
N3 C50 H . 29.06 1.00 -32.10
C4 C50 H . 29.82 -0.04 -32.42
N5 C50 H . 30.75 0.03 -33.41
C6 C50 H . 30.97 1.31 -34.17
N7 C50 H . 28.38 3.22 -32.42
N8 C50 H . 29.67 -1.17 -31.76
O9 C50 H . 31.39 -1.14 -33.81
C10 C50 H . 32.61 -1.49 -33.12
C11 C50 H . 33.16 -2.80 -33.75
C12 C50 H . 33.84 -2.52 -35.10
O13 C50 H . 35.01 -1.75 -34.79
C14 C50 H . 35.87 -1.33 -35.78
C15 C50 H . 36.92 -0.53 -35.39
C16 C50 H . 37.91 -0.02 -36.39
C17 C50 H . 37.78 -0.35 -37.71
C18 C50 H . 36.65 -1.22 -38.15
C19 C50 H . 35.74 -1.68 -37.23
CL20 C50 H . 37.11 -0.10 -33.69
CL21 C50 H . 39.26 1.01 -35.90
C22 C50 H . 32.41 1.83 -34.03
C23 C50 H . 30.70 1.05 -35.66
PA NDP I . 30.21 -11.65 -35.19
O1A NDP I . 29.15 -11.74 -34.22
O2A NDP I . 31.18 -10.51 -35.22
O5B NDP I . 31.10 -13.02 -34.99
C5B NDP I . 30.40 -14.27 -34.87
C4B NDP I . 31.50 -15.20 -34.41
O4B NDP I . 31.65 -14.98 -32.97
C3B NDP I . 31.28 -16.64 -34.56
O3B NDP I . 31.33 -17.21 -35.89
C2B NDP I . 32.09 -17.26 -33.54
O2B NDP I . 33.48 -17.37 -33.79
C1B NDP I . 31.73 -16.29 -32.42
N9A NDP I . 30.59 -16.70 -31.59
C8A NDP I . 29.28 -16.12 -31.51
N7A NDP I . 28.53 -16.78 -30.67
C5A NDP I . 29.30 -17.79 -30.16
C6A NDP I . 29.07 -18.83 -29.23
N6A NDP I . 27.87 -18.94 -28.65
N1A NDP I . 30.07 -19.71 -28.93
C2A NDP I . 31.27 -19.58 -29.53
N3A NDP I . 31.59 -18.63 -30.43
C4A NDP I . 30.55 -17.76 -30.70
O3 NDP I . 29.70 -11.84 -36.67
PN NDP I . 28.35 -11.63 -37.54
O1N NDP I . 28.57 -12.39 -38.79
O2N NDP I . 27.18 -11.87 -36.65
O5D NDP I . 28.41 -10.04 -37.70
C5D NDP I . 29.61 -9.35 -38.19
C4D NDP I . 29.12 -8.19 -39.09
O4D NDP I . 28.72 -7.17 -38.20
C3D NDP I . 30.29 -7.59 -39.87
O3D NDP I . 29.89 -7.24 -41.20
C2D NDP I . 30.82 -6.43 -39.06
O2D NDP I . 31.38 -5.47 -39.94
C1D NDP I . 29.39 -5.96 -38.52
N1N NDP I . 29.49 -5.15 -37.28
C2N NDP I . 28.76 -3.95 -37.32
C3N NDP I . 28.81 -3.12 -36.15
C7N NDP I . 28.05 -1.85 -36.13
O7N NDP I . 28.02 -1.07 -35.15
N7N NDP I . 27.34 -1.47 -37.23
C4N NDP I . 29.57 -3.54 -35.04
C5N NDP I . 30.29 -4.72 -35.03
C6N NDP I . 30.25 -5.53 -36.14
P2B NDP I . 34.17 -18.61 -34.41
O1X NDP I . 33.73 -18.59 -35.82
O2X NDP I . 35.62 -18.46 -34.19
O3X NDP I . 33.64 -19.88 -33.72
N1 UMP J . 13.19 10.99 7.81
C2 UMP J . 13.11 10.07 6.74
N3 UMP J . 13.78 8.85 6.98
C4 UMP J . 14.50 8.50 8.14
C5 UMP J . 14.54 9.54 9.20
C6 UMP J . 13.87 10.74 8.97
O2 UMP J . 12.52 10.24 5.68
O4 UMP J . 15.06 7.42 8.27
C1' UMP J . 12.56 12.35 7.76
C2' UMP J . 11.04 12.49 7.94
C3' UMP J . 10.84 13.90 8.51
C4' UMP J . 12.07 14.23 9.40
O3' UMP J . 10.85 14.80 7.38
O4' UMP J . 13.07 13.31 8.79
C5' UMP J . 11.90 13.79 10.86
O5' UMP J . 10.94 14.66 11.54
P UMP J . 9.75 14.11 12.40
OP1 UMP J . 10.22 13.31 13.54
OP2 UMP J . 9.03 15.33 12.86
OP3 UMP J . 8.88 13.27 11.57
C1 GOL K . 2.69 -1.82 -3.49
O1 GOL K . 2.90 -1.33 -4.83
C2 GOL K . 2.33 -3.33 -3.52
O2 GOL K . 2.14 -3.79 -2.17
C3 GOL K . 1.02 -3.57 -4.35
O3 GOL K . 0.70 -4.97 -4.36
C1 GOL L . 16.41 11.58 6.27
O1 GOL L . 16.52 12.99 6.51
C2 GOL L . 17.71 10.86 6.69
O2 GOL L . 17.56 9.46 6.45
C3 GOL L . 18.92 11.37 5.89
O3 GOL L . 20.09 10.66 6.30
C1 GOL M . 18.94 8.96 9.71
O1 GOL M . 20.04 9.18 8.82
C2 GOL M . 18.73 7.44 9.86
O2 GOL M . 17.62 7.21 10.75
C3 GOL M . 18.46 6.84 8.47
O3 GOL M . 18.28 5.43 8.60
#